data_3MPG
#
_entry.id   3MPG
#
_cell.length_a   50.360
_cell.length_b   80.784
_cell.length_c   104.772
_cell.angle_alpha   90.00
_cell.angle_beta   100.21
_cell.angle_gamma   90.00
#
_symmetry.space_group_name_H-M   'P 1 21 1'
#
loop_
_entity.id
_entity.type
_entity.pdbx_description
1 polymer Dihydroorotase
2 non-polymer 'ZINC ION'
3 water water
#
_entity_poly.entity_id   1
_entity_poly.type   'polypeptide(L)'
_entity_poly.pdbx_seq_one_letter_code
;MNYLFKNGRYMNEEGKIVATDLLVQDGKIAKVAENITADNAEVIDVNGKLIAPGLVDVHVHLREPGGEHKETIETGTLAA
AKGGFTTICAMPNTRPVPDCREHMEDLQNRIKEKAHVNVLPYGAITVRQAGSEMTDFETLKELGAFAFTDDGVGVQDASM
MLAAMKRAAKLNMAVVAHCEENTLINKGCVHEGKFSEKHGLNGIPSVCESVHIARDILLAEAADCHYHVCHVSTKGSVRV
IRDAKRAGIKVTAEVTPHHLVLCEDDIPSADPNFKMNPPLRGKEDHEALIEGLLDGTIDMIATDHAPHTAEEKAQGIERA
PFGITGFETAFPLLYTNLVKKGIITLEQLIQFLTEKPADTFGLEAGRLKEGRTADITIIDLEQEEEIDPTTFLSKGKNTP
FAGWKCQGWPVMTIVGGKIAWQKESALV
;
_entity_poly.pdbx_strand_id   A,B
#
loop_
_chem_comp.id
_chem_comp.type
_chem_comp.name
_chem_comp.formula
ZN non-polymer 'ZINC ION' 'Zn 2'
#
# COMPACT_ATOMS: atom_id res chain seq x y z
N MET A 1 18.73 -41.12 -29.94
CA MET A 1 18.93 -39.79 -30.58
C MET A 1 20.28 -39.19 -30.21
N ASN A 2 20.80 -38.30 -31.05
CA ASN A 2 22.07 -37.66 -30.79
C ASN A 2 22.33 -36.52 -31.76
N TYR A 3 22.33 -35.30 -31.23
CA TYR A 3 22.57 -34.10 -32.03
C TYR A 3 23.85 -33.39 -31.59
N LEU A 4 24.45 -32.65 -32.51
CA LEU A 4 25.66 -31.90 -32.20
C LEU A 4 25.66 -30.57 -32.94
N PHE A 5 25.35 -29.49 -32.22
CA PHE A 5 25.33 -28.15 -32.82
C PHE A 5 26.75 -27.61 -32.91
N LYS A 6 27.19 -27.36 -34.14
CA LYS A 6 28.54 -26.86 -34.38
C LYS A 6 28.64 -25.37 -34.70
N ASN A 7 29.78 -24.79 -34.36
CA ASN A 7 30.06 -23.38 -34.61
C ASN A 7 28.92 -22.44 -34.24
N GLY A 8 28.71 -22.26 -32.94
CA GLY A 8 27.68 -21.37 -32.47
C GLY A 8 28.25 -20.43 -31.43
N ARG A 9 27.37 -19.82 -30.63
CA ARG A 9 27.78 -18.90 -29.58
C ARG A 9 26.70 -18.91 -28.52
N TYR A 10 27.05 -18.56 -27.28
CA TYR A 10 26.07 -18.54 -26.21
C TYR A 10 26.53 -17.76 -24.99
N MET A 11 25.64 -17.70 -24.00
CA MET A 11 25.92 -17.01 -22.74
C MET A 11 26.59 -17.98 -21.78
N ASN A 12 27.90 -17.80 -21.57
CA ASN A 12 28.65 -18.66 -20.67
C ASN A 12 28.11 -18.50 -19.25
N GLU A 13 28.58 -19.33 -18.32
CA GLU A 13 28.13 -19.26 -16.95
C GLU A 13 28.59 -17.99 -16.25
N GLU A 14 29.07 -17.02 -17.03
CA GLU A 14 29.55 -15.75 -16.46
C GLU A 14 28.76 -14.56 -17.02
N GLY A 15 28.56 -14.54 -18.33
CA GLY A 15 27.82 -13.44 -18.92
C GLY A 15 28.21 -13.06 -20.35
N LYS A 16 29.42 -13.43 -20.76
CA LYS A 16 29.87 -13.11 -22.10
C LYS A 16 29.45 -14.15 -23.14
N ILE A 17 29.57 -13.79 -24.41
CA ILE A 17 29.21 -14.67 -25.51
C ILE A 17 30.48 -15.27 -26.12
N VAL A 18 30.65 -16.57 -25.99
CA VAL A 18 31.82 -17.26 -26.52
C VAL A 18 31.47 -18.42 -27.45
N ALA A 19 32.05 -18.39 -28.64
CA ALA A 19 31.81 -19.42 -29.63
C ALA A 19 32.06 -20.79 -29.02
N THR A 20 31.09 -21.70 -29.18
CA THR A 20 31.18 -23.05 -28.64
C THR A 20 30.19 -23.99 -29.34
N ASP A 21 30.17 -25.25 -28.93
CA ASP A 21 29.26 -26.23 -29.50
C ASP A 21 28.44 -26.82 -28.36
N LEU A 22 27.53 -27.73 -28.71
CA LEU A 22 26.68 -28.37 -27.71
C LEU A 22 26.26 -29.75 -28.20
N LEU A 23 26.43 -30.76 -27.36
CA LEU A 23 26.09 -32.12 -27.70
C LEU A 23 24.88 -32.63 -26.92
N VAL A 24 23.89 -33.18 -27.62
CA VAL A 24 22.70 -33.70 -26.98
C VAL A 24 22.59 -35.22 -27.12
N GLN A 25 22.63 -35.91 -25.98
CA GLN A 25 22.54 -37.37 -25.96
C GLN A 25 21.42 -37.84 -25.04
N ASP A 26 20.41 -38.47 -25.63
CA ASP A 26 19.27 -38.97 -24.88
C ASP A 26 18.53 -37.85 -24.15
N GLY A 27 18.13 -36.84 -24.91
CA GLY A 27 17.40 -35.72 -24.35
C GLY A 27 18.07 -34.97 -23.20
N LYS A 28 19.40 -34.85 -23.25
CA LYS A 28 20.12 -34.16 -22.20
C LYS A 28 21.36 -33.46 -22.74
N ILE A 29 21.75 -32.36 -22.11
CA ILE A 29 22.93 -31.60 -22.53
C ILE A 29 24.17 -32.34 -22.08
N ALA A 30 24.63 -33.28 -22.91
CA ALA A 30 25.80 -34.07 -22.59
C ALA A 30 27.10 -33.28 -22.48
N LYS A 31 27.20 -32.17 -23.20
CA LYS A 31 28.44 -31.39 -23.14
C LYS A 31 28.30 -30.00 -23.76
N VAL A 32 28.93 -29.02 -23.12
CA VAL A 32 28.91 -27.64 -23.60
C VAL A 32 30.34 -27.14 -23.65
N ALA A 33 31.03 -27.42 -24.76
CA ALA A 33 32.41 -26.97 -24.90
C ALA A 33 32.73 -26.53 -26.33
N GLU A 34 33.89 -25.92 -26.50
CA GLU A 34 34.33 -25.45 -27.81
C GLU A 34 34.85 -26.62 -28.62
N ASN A 35 34.45 -26.69 -29.88
CA ASN A 35 34.88 -27.75 -30.78
C ASN A 35 34.73 -29.14 -30.16
N ILE A 36 33.53 -29.71 -30.29
CA ILE A 36 33.25 -31.03 -29.74
C ILE A 36 33.44 -32.08 -30.84
N THR A 37 33.75 -33.31 -30.43
CA THR A 37 33.95 -34.39 -31.38
C THR A 37 33.07 -35.60 -31.02
N ALA A 38 32.18 -35.95 -31.94
CA ALA A 38 31.27 -37.08 -31.76
C ALA A 38 30.84 -37.56 -33.15
N ASP A 39 31.71 -38.34 -33.78
CA ASP A 39 31.48 -38.88 -35.12
C ASP A 39 30.06 -39.37 -35.41
N ASN A 40 29.55 -40.26 -34.55
CA ASN A 40 28.22 -40.83 -34.74
C ASN A 40 27.07 -39.83 -34.52
N ALA A 41 27.41 -38.64 -34.01
CA ALA A 41 26.41 -37.61 -33.75
C ALA A 41 26.06 -36.85 -35.02
N GLU A 42 24.77 -36.82 -35.38
CA GLU A 42 24.35 -36.11 -36.58
C GLU A 42 24.65 -34.62 -36.39
N VAL A 43 25.62 -34.12 -37.12
CA VAL A 43 26.05 -32.73 -37.03
C VAL A 43 25.04 -31.69 -37.53
N ILE A 44 25.02 -30.55 -36.86
CA ILE A 44 24.14 -29.43 -37.20
C ILE A 44 24.93 -28.14 -37.04
N ASP A 45 25.37 -27.57 -38.15
CA ASP A 45 26.16 -26.34 -38.14
C ASP A 45 25.26 -25.11 -38.08
N VAL A 46 25.20 -24.46 -36.92
CA VAL A 46 24.36 -23.27 -36.73
C VAL A 46 24.96 -21.99 -37.32
N ASN A 47 26.17 -22.07 -37.86
CA ASN A 47 26.83 -20.93 -38.48
C ASN A 47 26.84 -19.61 -37.73
N GLY A 48 27.45 -19.59 -36.54
CA GLY A 48 27.52 -18.37 -35.77
C GLY A 48 26.26 -17.90 -35.05
N LYS A 49 25.13 -18.52 -35.34
CA LYS A 49 23.88 -18.15 -34.69
C LYS A 49 24.06 -18.31 -33.19
N LEU A 50 23.07 -17.86 -32.43
CA LEU A 50 23.11 -17.95 -30.97
C LEU A 50 22.41 -19.21 -30.46
N ILE A 51 23.12 -19.97 -29.63
CA ILE A 51 22.58 -21.19 -29.03
C ILE A 51 22.07 -20.75 -27.66
N ALA A 52 20.80 -20.99 -27.38
CA ALA A 52 20.23 -20.58 -26.09
C ALA A 52 19.25 -21.55 -25.48
N PRO A 53 19.15 -21.56 -24.15
CA PRO A 53 18.24 -22.45 -23.44
C PRO A 53 16.78 -22.07 -23.74
N GLY A 54 15.90 -23.05 -23.71
CA GLY A 54 14.50 -22.76 -23.97
C GLY A 54 14.00 -21.62 -23.10
N LEU A 55 13.30 -20.68 -23.71
CA LEU A 55 12.78 -19.54 -22.96
C LEU A 55 11.66 -20.01 -22.03
N VAL A 56 11.52 -19.34 -20.89
CA VAL A 56 10.49 -19.67 -19.92
C VAL A 56 9.48 -18.52 -19.80
N ASP A 57 8.21 -18.82 -20.01
CA ASP A 57 7.16 -17.82 -19.94
C ASP A 57 6.18 -18.23 -18.84
N VAL A 58 6.16 -17.46 -17.75
CA VAL A 58 5.31 -17.77 -16.61
C VAL A 58 3.90 -17.16 -16.65
N HIS A 59 3.54 -16.54 -17.77
CA HIS A 59 2.23 -15.93 -17.89
C HIS A 59 1.66 -16.16 -19.29
N VAL A 60 0.76 -17.13 -19.41
CA VAL A 60 0.18 -17.47 -20.71
C VAL A 60 -1.31 -17.83 -20.64
N HIS A 61 -1.98 -17.72 -21.79
CA HIS A 61 -3.39 -18.05 -21.92
C HIS A 61 -3.61 -18.95 -23.13
N LEU A 62 -3.71 -20.26 -22.88
CA LEU A 62 -3.91 -21.23 -23.96
C LEU A 62 -5.37 -21.32 -24.36
N ARG A 63 -6.24 -20.64 -23.61
CA ARG A 63 -7.67 -20.59 -23.89
C ARG A 63 -8.44 -21.91 -23.76
N GLU A 64 -7.74 -23.03 -23.91
CA GLU A 64 -8.36 -24.35 -23.79
C GLU A 64 -8.16 -24.84 -22.36
N PRO A 65 -9.22 -25.39 -21.74
CA PRO A 65 -10.58 -25.60 -22.26
C PRO A 65 -11.50 -24.38 -22.14
N GLY A 66 -12.43 -24.25 -23.09
CA GLY A 66 -13.36 -23.14 -23.03
C GLY A 66 -13.36 -22.25 -24.26
N GLY A 67 -12.18 -21.74 -24.62
CA GLY A 67 -12.08 -20.87 -25.78
C GLY A 67 -11.26 -21.48 -26.90
N GLU A 68 -11.57 -22.72 -27.26
CA GLU A 68 -10.85 -23.44 -28.31
C GLU A 68 -10.73 -22.62 -29.59
N HIS A 69 -11.74 -21.81 -29.91
CA HIS A 69 -11.69 -21.01 -31.11
C HIS A 69 -10.58 -19.96 -31.05
N LYS A 70 -10.35 -19.40 -29.86
CA LYS A 70 -9.32 -18.39 -29.67
C LYS A 70 -7.93 -19.01 -29.79
N GLU A 71 -7.74 -20.13 -29.09
CA GLU A 71 -6.46 -20.80 -29.10
C GLU A 71 -6.63 -22.22 -28.56
N THR A 72 -5.72 -23.11 -28.94
CA THR A 72 -5.75 -24.49 -28.49
C THR A 72 -4.43 -24.84 -27.83
N ILE A 73 -4.41 -25.89 -27.04
CA ILE A 73 -3.20 -26.30 -26.36
C ILE A 73 -2.11 -26.64 -27.39
N GLU A 74 -2.50 -27.25 -28.50
CA GLU A 74 -1.52 -27.60 -29.52
C GLU A 74 -1.13 -26.40 -30.38
N THR A 75 -2.10 -25.59 -30.80
CA THR A 75 -1.77 -24.41 -31.61
C THR A 75 -0.98 -23.41 -30.78
N GLY A 76 -1.32 -23.33 -29.49
CA GLY A 76 -0.64 -22.41 -28.60
C GLY A 76 0.77 -22.83 -28.21
N THR A 77 0.98 -24.14 -28.01
CA THR A 77 2.30 -24.62 -27.64
C THR A 77 3.26 -24.66 -28.82
N LEU A 78 2.72 -24.87 -30.02
CA LEU A 78 3.56 -24.90 -31.22
C LEU A 78 3.98 -23.46 -31.50
N ALA A 79 3.08 -22.53 -31.22
CA ALA A 79 3.34 -21.11 -31.41
C ALA A 79 4.39 -20.67 -30.41
N ALA A 80 4.42 -21.33 -29.26
CA ALA A 80 5.39 -21.04 -28.21
C ALA A 80 6.76 -21.52 -28.66
N ALA A 81 6.80 -22.72 -29.24
CA ALA A 81 8.04 -23.29 -29.72
C ALA A 81 8.65 -22.34 -30.75
N LYS A 82 7.83 -21.91 -31.70
CA LYS A 82 8.28 -20.98 -32.75
C LYS A 82 8.85 -19.72 -32.10
N GLY A 83 8.22 -19.27 -31.02
CA GLY A 83 8.69 -18.10 -30.32
C GLY A 83 9.97 -18.36 -29.52
N GLY A 84 10.32 -19.64 -29.35
CA GLY A 84 11.51 -19.99 -28.63
C GLY A 84 11.30 -20.51 -27.23
N PHE A 85 10.04 -20.53 -26.78
CA PHE A 85 9.71 -21.00 -25.44
C PHE A 85 9.55 -22.51 -25.37
N THR A 86 10.10 -23.12 -24.32
CA THR A 86 10.02 -24.56 -24.12
C THR A 86 9.26 -24.87 -22.83
N THR A 87 9.06 -23.84 -22.01
CA THR A 87 8.34 -23.98 -20.74
C THR A 87 7.31 -22.86 -20.62
N ILE A 88 6.05 -23.26 -20.60
CA ILE A 88 4.93 -22.33 -20.51
C ILE A 88 4.09 -22.61 -19.27
N CYS A 89 3.63 -21.55 -18.61
CA CYS A 89 2.78 -21.67 -17.43
C CYS A 89 1.43 -21.06 -17.81
N ALA A 90 0.38 -21.88 -17.80
CA ALA A 90 -0.94 -21.41 -18.19
C ALA A 90 -1.84 -20.93 -17.04
N MET A 91 -2.45 -19.77 -17.24
CA MET A 91 -3.35 -19.18 -16.25
C MET A 91 -4.64 -20.00 -16.16
N PRO A 92 -5.31 -19.95 -15.00
CA PRO A 92 -6.54 -20.70 -14.77
C PRO A 92 -7.86 -20.03 -15.17
N ASN A 93 -7.81 -19.00 -16.00
CA ASN A 93 -9.03 -18.32 -16.38
C ASN A 93 -9.73 -18.94 -17.59
N THR A 94 -9.91 -20.26 -17.54
CA THR A 94 -10.58 -20.99 -18.61
C THR A 94 -11.88 -21.58 -18.05
N ARG A 95 -12.62 -22.32 -18.87
CA ARG A 95 -13.87 -22.93 -18.40
C ARG A 95 -14.02 -24.39 -18.85
N PRO A 96 -14.07 -25.33 -17.90
CA PRO A 96 -13.99 -25.07 -16.46
C PRO A 96 -12.64 -24.53 -15.99
N VAL A 97 -12.61 -24.09 -14.74
CA VAL A 97 -11.40 -23.56 -14.14
C VAL A 97 -10.72 -24.68 -13.37
N PRO A 98 -9.37 -24.67 -13.33
CA PRO A 98 -8.67 -25.73 -12.59
C PRO A 98 -8.76 -25.38 -11.11
N ASP A 99 -9.94 -25.56 -10.53
CA ASP A 99 -10.15 -25.25 -9.12
C ASP A 99 -10.46 -26.47 -8.25
N CYS A 100 -10.25 -27.66 -8.80
CA CYS A 100 -10.49 -28.90 -8.05
C CYS A 100 -9.80 -30.07 -8.72
N ARG A 101 -9.81 -31.21 -8.05
CA ARG A 101 -9.17 -32.42 -8.54
C ARG A 101 -9.62 -32.84 -9.94
N GLU A 102 -10.92 -32.91 -10.16
CA GLU A 102 -11.46 -33.33 -11.45
C GLU A 102 -11.12 -32.40 -12.61
N HIS A 103 -11.01 -31.11 -12.36
CA HIS A 103 -10.68 -30.17 -13.44
C HIS A 103 -9.17 -30.11 -13.70
N MET A 104 -8.38 -30.16 -12.64
CA MET A 104 -6.94 -30.11 -12.81
C MET A 104 -6.46 -31.36 -13.55
N GLU A 105 -7.07 -32.50 -13.23
CA GLU A 105 -6.70 -33.75 -13.86
C GLU A 105 -6.96 -33.77 -15.37
N ASP A 106 -8.15 -33.36 -15.79
CA ASP A 106 -8.48 -33.35 -17.21
C ASP A 106 -7.60 -32.38 -17.99
N LEU A 107 -7.29 -31.23 -17.38
CA LEU A 107 -6.43 -30.23 -18.01
C LEU A 107 -5.02 -30.78 -18.11
N GLN A 108 -4.60 -31.51 -17.08
CA GLN A 108 -3.27 -32.11 -17.05
C GLN A 108 -3.22 -33.20 -18.12
N ASN A 109 -4.37 -33.80 -18.41
CA ASN A 109 -4.47 -34.85 -19.42
C ASN A 109 -4.30 -34.22 -20.80
N ARG A 110 -5.07 -33.16 -21.06
CA ARG A 110 -5.00 -32.45 -22.32
C ARG A 110 -3.57 -32.02 -22.62
N ILE A 111 -2.91 -31.43 -21.62
CA ILE A 111 -1.54 -30.98 -21.78
C ILE A 111 -0.62 -32.07 -22.30
N LYS A 112 -0.40 -33.09 -21.48
CA LYS A 112 0.47 -34.20 -21.86
C LYS A 112 -0.01 -34.94 -23.09
N GLU A 113 -1.28 -34.78 -23.42
CA GLU A 113 -1.84 -35.46 -24.58
C GLU A 113 -1.62 -34.73 -25.90
N LYS A 114 -1.50 -33.40 -25.85
CA LYS A 114 -1.31 -32.64 -27.07
C LYS A 114 -0.53 -31.33 -26.93
N ALA A 115 0.45 -31.31 -26.03
CA ALA A 115 1.28 -30.12 -25.84
C ALA A 115 2.65 -30.35 -26.44
N HIS A 116 3.06 -29.46 -27.35
CA HIS A 116 4.36 -29.58 -28.00
C HIS A 116 5.48 -28.94 -27.20
N VAL A 117 5.14 -28.49 -26.00
CA VAL A 117 6.11 -27.84 -25.12
C VAL A 117 5.70 -28.08 -23.67
N ASN A 118 6.64 -27.94 -22.74
CA ASN A 118 6.32 -28.16 -21.33
C ASN A 118 5.30 -27.12 -20.87
N VAL A 119 4.22 -27.59 -20.26
CA VAL A 119 3.15 -26.71 -19.79
C VAL A 119 2.78 -26.94 -18.32
N LEU A 120 3.23 -26.05 -17.45
CA LEU A 120 2.94 -26.13 -16.02
C LEU A 120 1.69 -25.29 -15.73
N PRO A 121 0.56 -25.95 -15.44
CA PRO A 121 -0.71 -25.28 -15.16
C PRO A 121 -0.85 -24.58 -13.81
N TYR A 122 -1.40 -23.37 -13.84
CA TYR A 122 -1.65 -22.59 -12.65
C TYR A 122 -2.89 -23.13 -11.96
N GLY A 123 -3.00 -22.92 -10.66
CA GLY A 123 -4.18 -23.34 -9.93
C GLY A 123 -4.91 -22.09 -9.49
N ALA A 124 -6.25 -22.12 -9.50
CA ALA A 124 -7.02 -20.96 -9.10
C ALA A 124 -7.04 -20.80 -7.58
N ILE A 125 -7.28 -19.57 -7.12
CA ILE A 125 -7.34 -19.29 -5.69
C ILE A 125 -8.75 -19.56 -5.17
N THR A 126 -9.76 -19.08 -5.88
CA THR A 126 -11.14 -19.30 -5.48
C THR A 126 -11.86 -20.06 -6.60
N VAL A 127 -12.84 -20.86 -6.22
CA VAL A 127 -13.61 -21.63 -7.19
C VAL A 127 -14.20 -20.71 -8.26
N ARG A 128 -14.14 -21.16 -9.51
CA ARG A 128 -14.65 -20.39 -10.64
C ARG A 128 -14.11 -18.96 -10.69
N GLN A 129 -13.12 -18.67 -9.84
CA GLN A 129 -12.53 -17.35 -9.77
C GLN A 129 -13.57 -16.32 -9.33
N ALA A 130 -14.69 -16.81 -8.78
CA ALA A 130 -15.77 -15.95 -8.31
C ALA A 130 -15.32 -15.15 -7.08
N GLY A 131 -14.31 -15.66 -6.38
CA GLY A 131 -13.77 -14.97 -5.21
C GLY A 131 -14.45 -15.12 -3.85
N SER A 132 -15.38 -16.06 -3.71
CA SER A 132 -16.06 -16.23 -2.43
C SER A 132 -15.66 -17.49 -1.66
N GLU A 133 -15.14 -18.50 -2.37
CA GLU A 133 -14.74 -19.74 -1.73
C GLU A 133 -13.35 -20.16 -2.19
N MET A 134 -12.42 -20.27 -1.24
CA MET A 134 -11.05 -20.66 -1.56
C MET A 134 -10.97 -22.09 -2.04
N THR A 135 -10.09 -22.35 -3.00
CA THR A 135 -9.91 -23.70 -3.53
C THR A 135 -9.08 -24.50 -2.53
N ASP A 136 -8.83 -25.76 -2.85
CA ASP A 136 -8.05 -26.63 -1.95
C ASP A 136 -6.59 -26.65 -2.40
N PHE A 137 -5.79 -25.75 -1.84
CA PHE A 137 -4.37 -25.65 -2.19
C PHE A 137 -3.62 -26.97 -2.03
N GLU A 138 -3.95 -27.69 -0.96
CA GLU A 138 -3.31 -28.97 -0.67
C GLU A 138 -3.38 -29.93 -1.84
N THR A 139 -4.61 -30.21 -2.29
CA THR A 139 -4.85 -31.12 -3.41
C THR A 139 -4.34 -30.58 -4.75
N LEU A 140 -4.66 -29.33 -5.05
CA LEU A 140 -4.21 -28.74 -6.30
C LEU A 140 -2.69 -28.81 -6.37
N LYS A 141 -2.04 -28.61 -5.22
CA LYS A 141 -0.59 -28.67 -5.13
C LYS A 141 -0.15 -30.08 -5.54
N GLU A 142 -0.85 -31.07 -4.99
CA GLU A 142 -0.59 -32.49 -5.25
C GLU A 142 -0.67 -32.85 -6.72
N LEU A 143 -1.71 -32.36 -7.40
CA LEU A 143 -1.92 -32.65 -8.81
C LEU A 143 -1.00 -31.85 -9.76
N GLY A 144 -0.05 -31.11 -9.20
CA GLY A 144 0.88 -30.37 -10.03
C GLY A 144 0.60 -28.90 -10.34
N ALA A 145 0.00 -28.17 -9.42
CA ALA A 145 -0.28 -26.75 -9.64
C ALA A 145 1.03 -25.97 -9.63
N PHE A 146 1.16 -25.02 -10.56
CA PHE A 146 2.35 -24.20 -10.66
C PHE A 146 2.37 -23.20 -9.51
N ALA A 147 1.30 -22.42 -9.40
CA ALA A 147 1.15 -21.41 -8.37
C ALA A 147 -0.33 -21.15 -8.24
N PHE A 148 -0.72 -20.17 -7.44
CA PHE A 148 -2.13 -19.85 -7.26
C PHE A 148 -2.45 -18.41 -7.67
N THR A 149 -3.40 -18.27 -8.58
CA THR A 149 -3.81 -16.96 -9.06
C THR A 149 -5.27 -16.98 -9.51
N ASP A 150 -5.81 -15.79 -9.78
CA ASP A 150 -7.17 -15.64 -10.24
C ASP A 150 -7.09 -14.70 -11.46
N ASP A 151 -5.94 -14.76 -12.12
CA ASP A 151 -5.65 -13.92 -13.28
C ASP A 151 -6.84 -13.61 -14.17
N GLY A 152 -6.91 -12.34 -14.57
CA GLY A 152 -8.00 -11.87 -15.40
C GLY A 152 -8.91 -11.13 -14.45
N VAL A 153 -8.83 -11.54 -13.18
CA VAL A 153 -9.63 -10.96 -12.11
C VAL A 153 -8.72 -10.82 -10.89
N GLY A 154 -9.12 -9.97 -9.96
CA GLY A 154 -8.33 -9.79 -8.76
C GLY A 154 -9.10 -10.28 -7.56
N VAL A 155 -8.40 -10.52 -6.45
CA VAL A 155 -9.05 -10.98 -5.23
C VAL A 155 -9.49 -9.74 -4.44
N GLN A 156 -10.75 -9.34 -4.61
CA GLN A 156 -11.28 -8.16 -3.95
C GLN A 156 -11.32 -8.20 -2.43
N ASP A 157 -11.82 -9.30 -1.86
CA ASP A 157 -11.90 -9.44 -0.41
C ASP A 157 -10.52 -9.64 0.20
N ALA A 158 -10.09 -8.66 0.99
CA ALA A 158 -8.78 -8.69 1.62
C ALA A 158 -8.50 -9.92 2.47
N SER A 159 -9.48 -10.34 3.28
CA SER A 159 -9.30 -11.52 4.13
C SER A 159 -9.06 -12.78 3.30
N MET A 160 -9.62 -12.82 2.09
CA MET A 160 -9.43 -13.98 1.22
C MET A 160 -7.96 -14.08 0.85
N MET A 161 -7.39 -12.98 0.39
CA MET A 161 -5.99 -12.96 -0.01
C MET A 161 -5.06 -13.35 1.15
N LEU A 162 -5.26 -12.73 2.30
CA LEU A 162 -4.43 -13.04 3.47
C LEU A 162 -4.47 -14.55 3.73
N ALA A 163 -5.68 -15.07 3.92
CA ALA A 163 -5.87 -16.50 4.17
C ALA A 163 -5.19 -17.34 3.10
N ALA A 164 -5.33 -16.92 1.85
CA ALA A 164 -4.73 -17.63 0.73
C ALA A 164 -3.22 -17.67 0.89
N MET A 165 -2.63 -16.52 1.20
CA MET A 165 -1.18 -16.41 1.37
C MET A 165 -0.67 -17.17 2.59
N LYS A 166 -1.43 -17.14 3.68
CA LYS A 166 -1.02 -17.86 4.87
C LYS A 166 -0.99 -19.36 4.56
N ARG A 167 -1.98 -19.79 3.81
CA ARG A 167 -2.10 -21.18 3.40
C ARG A 167 -1.05 -21.53 2.36
N ALA A 168 -0.82 -20.61 1.42
CA ALA A 168 0.17 -20.83 0.39
C ALA A 168 1.54 -20.87 1.04
N ALA A 169 1.78 -19.96 1.98
CA ALA A 169 3.05 -19.88 2.68
C ALA A 169 3.42 -21.20 3.36
N LYS A 170 2.42 -21.88 3.92
CA LYS A 170 2.67 -23.16 4.59
C LYS A 170 3.02 -24.26 3.59
N LEU A 171 2.48 -24.18 2.38
CA LEU A 171 2.77 -25.17 1.36
C LEU A 171 3.98 -24.75 0.55
N ASN A 172 4.66 -23.70 0.99
CA ASN A 172 5.84 -23.17 0.32
C ASN A 172 5.59 -22.83 -1.14
N MET A 173 4.40 -22.30 -1.43
CA MET A 173 4.08 -21.93 -2.79
C MET A 173 3.77 -20.45 -2.92
N ALA A 174 3.80 -19.96 -4.15
CA ALA A 174 3.57 -18.55 -4.41
C ALA A 174 2.14 -18.17 -4.77
N VAL A 175 1.79 -16.95 -4.43
CA VAL A 175 0.48 -16.39 -4.73
C VAL A 175 0.73 -15.39 -5.85
N VAL A 176 0.32 -15.73 -7.07
CA VAL A 176 0.49 -14.86 -8.22
C VAL A 176 -0.77 -14.03 -8.34
N ALA A 177 -0.62 -12.71 -8.41
CA ALA A 177 -1.79 -11.84 -8.45
C ALA A 177 -1.93 -10.82 -9.57
N HIS A 178 -3.14 -10.80 -10.14
CA HIS A 178 -3.53 -9.86 -11.17
C HIS A 178 -4.07 -8.68 -10.33
N CYS A 179 -3.28 -7.62 -10.19
CA CYS A 179 -3.69 -6.48 -9.38
C CYS A 179 -4.70 -5.53 -10.00
N GLU A 180 -5.89 -5.48 -9.41
CA GLU A 180 -6.93 -4.59 -9.93
C GLU A 180 -8.10 -4.39 -8.96
N GLU A 181 -8.25 -3.15 -8.47
CA GLU A 181 -9.34 -2.81 -7.56
C GLU A 181 -10.57 -2.50 -8.42
N ASN A 182 -11.59 -3.34 -8.32
CA ASN A 182 -12.81 -3.17 -9.11
C ASN A 182 -13.52 -1.81 -9.04
N THR A 183 -13.53 -1.16 -7.88
CA THR A 183 -14.21 0.14 -7.78
C THR A 183 -13.44 1.26 -8.49
N LEU A 184 -12.22 0.95 -8.92
CA LEU A 184 -11.39 1.94 -9.61
C LEU A 184 -11.24 1.69 -11.10
N ILE A 185 -11.99 0.74 -11.64
CA ILE A 185 -11.91 0.46 -13.07
C ILE A 185 -12.57 1.56 -13.89
N ASN A 186 -13.67 2.09 -13.39
CA ASN A 186 -14.38 3.17 -14.06
C ASN A 186 -14.78 2.81 -15.50
N LYS A 187 -15.13 1.54 -15.72
CA LYS A 187 -15.54 1.07 -17.05
C LYS A 187 -14.55 1.44 -18.13
N GLY A 188 -13.27 1.48 -17.78
CA GLY A 188 -12.25 1.84 -18.74
C GLY A 188 -11.92 0.77 -19.77
N CYS A 189 -11.44 1.22 -20.92
CA CYS A 189 -11.04 0.32 -22.01
C CYS A 189 -9.58 0.59 -22.37
N VAL A 190 -9.06 1.69 -21.83
CA VAL A 190 -7.67 2.10 -22.06
C VAL A 190 -7.18 2.82 -20.81
N HIS A 191 -5.97 3.38 -20.88
CA HIS A 191 -5.38 4.10 -19.76
C HIS A 191 -6.00 5.48 -19.63
N GLU A 192 -6.33 5.87 -18.40
CA GLU A 192 -6.91 7.20 -18.18
C GLU A 192 -5.78 8.22 -18.18
N GLY A 193 -5.54 8.82 -19.34
CA GLY A 193 -4.48 9.80 -19.45
C GLY A 193 -4.74 10.76 -20.60
N LYS A 194 -3.73 10.95 -21.44
CA LYS A 194 -3.84 11.86 -22.57
C LYS A 194 -4.64 11.25 -23.73
N PHE A 195 -4.52 9.94 -23.93
CA PHE A 195 -5.24 9.28 -25.01
C PHE A 195 -6.74 9.20 -24.75
N SER A 196 -7.14 8.59 -23.64
CA SER A 196 -8.56 8.46 -23.31
C SER A 196 -9.17 9.85 -23.38
N GLU A 197 -8.40 10.84 -22.94
CA GLU A 197 -8.81 12.23 -22.94
C GLU A 197 -9.05 12.69 -24.36
N LYS A 198 -8.03 12.50 -25.21
CA LYS A 198 -8.07 12.91 -26.61
C LYS A 198 -9.22 12.30 -27.42
N HIS A 199 -9.61 11.06 -27.11
CA HIS A 199 -10.69 10.40 -27.84
C HIS A 199 -12.00 10.22 -27.10
N GLY A 200 -12.18 10.96 -26.00
CA GLY A 200 -13.41 10.86 -25.24
C GLY A 200 -13.78 9.45 -24.81
N LEU A 201 -12.78 8.71 -24.31
CA LEU A 201 -12.99 7.33 -23.86
C LEU A 201 -12.76 7.25 -22.35
N ASN A 202 -13.43 6.30 -21.70
CA ASN A 202 -13.27 6.10 -20.26
C ASN A 202 -11.91 5.46 -20.03
N GLY A 203 -11.18 5.93 -19.02
CA GLY A 203 -9.87 5.37 -18.75
C GLY A 203 -9.76 4.67 -17.40
N ILE A 204 -8.82 3.75 -17.30
CA ILE A 204 -8.57 3.02 -16.06
C ILE A 204 -7.41 3.70 -15.35
N PRO A 205 -7.67 4.31 -14.18
CA PRO A 205 -6.60 4.99 -13.44
C PRO A 205 -5.49 4.05 -13.01
N SER A 206 -4.27 4.55 -13.04
CA SER A 206 -3.10 3.77 -12.64
C SER A 206 -3.29 3.23 -11.22
N VAL A 207 -3.91 4.05 -10.38
CA VAL A 207 -4.14 3.70 -8.99
C VAL A 207 -4.94 2.39 -8.84
N CYS A 208 -5.68 2.03 -9.89
CA CYS A 208 -6.49 0.80 -9.88
C CYS A 208 -5.61 -0.44 -9.73
N GLU A 209 -4.36 -0.32 -10.19
CA GLU A 209 -3.42 -1.43 -10.12
C GLU A 209 -2.51 -1.34 -8.90
N SER A 210 -1.94 -0.15 -8.65
CA SER A 210 -1.03 0.05 -7.53
C SER A 210 -1.63 -0.19 -6.15
N VAL A 211 -2.93 0.04 -6.02
CA VAL A 211 -3.61 -0.15 -4.74
C VAL A 211 -3.64 -1.62 -4.30
N HIS A 212 -3.81 -2.54 -5.24
CA HIS A 212 -3.83 -3.96 -4.90
C HIS A 212 -2.44 -4.48 -4.59
N ILE A 213 -1.44 -3.99 -5.33
CA ILE A 213 -0.06 -4.41 -5.11
C ILE A 213 0.33 -3.98 -3.70
N ALA A 214 0.00 -2.73 -3.35
CA ALA A 214 0.34 -2.17 -2.05
C ALA A 214 -0.33 -2.97 -0.94
N ARG A 215 -1.57 -3.39 -1.16
CA ARG A 215 -2.32 -4.16 -0.18
C ARG A 215 -1.68 -5.52 0.02
N ASP A 216 -1.58 -6.28 -1.08
CA ASP A 216 -1.00 -7.62 -1.04
C ASP A 216 0.39 -7.71 -0.41
N ILE A 217 1.24 -6.70 -0.65
CA ILE A 217 2.58 -6.70 -0.08
C ILE A 217 2.54 -6.79 1.43
N LEU A 218 1.67 -6.01 2.04
CA LEU A 218 1.52 -6.00 3.50
C LEU A 218 0.96 -7.34 3.98
N LEU A 219 0.06 -7.93 3.19
CA LEU A 219 -0.53 -9.21 3.52
C LEU A 219 0.50 -10.34 3.37
N ALA A 220 1.30 -10.28 2.31
CA ALA A 220 2.31 -11.30 2.07
C ALA A 220 3.37 -11.33 3.17
N GLU A 221 3.71 -10.16 3.69
CA GLU A 221 4.69 -10.07 4.76
C GLU A 221 4.13 -10.68 6.05
N ALA A 222 2.86 -10.39 6.34
CA ALA A 222 2.21 -10.91 7.53
C ALA A 222 2.14 -12.44 7.47
N ALA A 223 1.81 -12.97 6.29
CA ALA A 223 1.73 -14.41 6.10
C ALA A 223 3.10 -15.00 5.81
N ASP A 224 4.06 -14.14 5.45
CA ASP A 224 5.41 -14.56 5.12
C ASP A 224 5.38 -15.47 3.91
N CYS A 225 4.58 -15.07 2.92
CA CYS A 225 4.40 -15.84 1.70
C CYS A 225 5.06 -15.20 0.49
N HIS A 226 5.50 -16.03 -0.46
CA HIS A 226 6.12 -15.54 -1.68
C HIS A 226 5.00 -14.97 -2.55
N TYR A 227 5.00 -13.65 -2.69
CA TYR A 227 3.99 -12.96 -3.48
C TYR A 227 4.61 -12.49 -4.79
N HIS A 228 3.89 -12.70 -5.89
CA HIS A 228 4.38 -12.28 -7.20
C HIS A 228 3.38 -11.40 -7.93
N VAL A 229 3.87 -10.34 -8.54
CA VAL A 229 3.02 -9.39 -9.26
C VAL A 229 3.06 -9.57 -10.77
N CYS A 230 1.88 -9.68 -11.37
CA CYS A 230 1.78 -9.85 -12.82
C CYS A 230 1.90 -8.49 -13.51
N HIS A 231 2.21 -8.56 -14.80
CA HIS A 231 2.33 -7.37 -15.64
C HIS A 231 2.19 -6.03 -14.92
N VAL A 232 3.30 -5.54 -14.37
CA VAL A 232 3.31 -4.26 -13.68
C VAL A 232 3.24 -3.22 -14.81
N SER A 233 2.60 -2.09 -14.56
CA SER A 233 2.47 -1.08 -15.61
C SER A 233 2.52 0.37 -15.17
N THR A 234 2.52 0.62 -13.87
CA THR A 234 2.53 2.00 -13.39
C THR A 234 3.79 2.40 -12.63
N LYS A 235 3.98 3.70 -12.51
CA LYS A 235 5.10 4.28 -11.79
C LYS A 235 4.91 3.96 -10.32
N GLY A 236 3.69 4.18 -9.83
CA GLY A 236 3.38 3.90 -8.44
C GLY A 236 3.53 2.43 -8.06
N SER A 237 3.25 1.53 -9.01
CA SER A 237 3.39 0.11 -8.77
C SER A 237 4.86 -0.25 -8.57
N VAL A 238 5.73 0.32 -9.40
CA VAL A 238 7.16 0.04 -9.31
C VAL A 238 7.76 0.56 -7.99
N ARG A 239 7.32 1.74 -7.55
CA ARG A 239 7.84 2.31 -6.30
C ARG A 239 7.43 1.41 -5.14
N VAL A 240 6.15 1.06 -5.08
CA VAL A 240 5.61 0.21 -4.02
C VAL A 240 6.40 -1.08 -3.85
N ILE A 241 6.80 -1.69 -4.97
CA ILE A 241 7.57 -2.94 -4.92
C ILE A 241 9.01 -2.67 -4.48
N ARG A 242 9.58 -1.57 -4.97
CA ARG A 242 10.95 -1.22 -4.60
C ARG A 242 11.02 -1.00 -3.08
N ASP A 243 9.97 -0.40 -2.51
CA ASP A 243 9.94 -0.15 -1.08
C ASP A 243 9.80 -1.47 -0.32
N ALA A 244 9.04 -2.40 -0.91
CA ALA A 244 8.82 -3.70 -0.30
C ALA A 244 10.10 -4.51 -0.28
N LYS A 245 10.84 -4.48 -1.37
CA LYS A 245 12.09 -5.24 -1.45
C LYS A 245 13.14 -4.71 -0.49
N ARG A 246 13.24 -3.39 -0.37
CA ARG A 246 14.21 -2.79 0.52
C ARG A 246 13.95 -3.18 1.97
N ALA A 247 12.72 -3.60 2.27
CA ALA A 247 12.35 -4.01 3.61
C ALA A 247 12.49 -5.52 3.79
N GLY A 248 13.03 -6.19 2.77
CA GLY A 248 13.22 -7.63 2.85
C GLY A 248 12.00 -8.52 2.66
N ILE A 249 10.97 -8.01 1.99
CA ILE A 249 9.76 -8.81 1.77
C ILE A 249 9.93 -9.73 0.54
N LYS A 250 9.36 -10.92 0.62
CA LYS A 250 9.46 -11.91 -0.45
C LYS A 250 8.48 -11.63 -1.58
N VAL A 251 8.68 -10.52 -2.27
CA VAL A 251 7.81 -10.15 -3.38
C VAL A 251 8.63 -10.07 -4.67
N THR A 252 7.99 -10.45 -5.78
CA THR A 252 8.66 -10.41 -7.08
C THR A 252 7.64 -9.92 -8.11
N ALA A 253 8.12 -9.50 -9.28
CA ALA A 253 7.23 -9.01 -10.31
C ALA A 253 7.67 -9.36 -11.73
N GLU A 254 6.92 -8.87 -12.71
CA GLU A 254 7.20 -9.11 -14.11
C GLU A 254 6.65 -7.98 -14.98
N VAL A 255 7.11 -7.91 -16.22
CA VAL A 255 6.66 -6.92 -17.19
C VAL A 255 6.50 -7.64 -18.51
N THR A 256 5.58 -7.14 -19.34
CA THR A 256 5.34 -7.74 -20.66
C THR A 256 6.19 -7.05 -21.71
N PRO A 257 6.41 -7.73 -22.85
CA PRO A 257 7.22 -7.09 -23.89
C PRO A 257 6.59 -5.80 -24.43
N HIS A 258 5.26 -5.76 -24.53
CA HIS A 258 4.58 -4.58 -25.04
C HIS A 258 4.62 -3.39 -24.09
N HIS A 259 4.66 -3.65 -22.78
CA HIS A 259 4.71 -2.57 -21.80
C HIS A 259 6.12 -1.99 -21.70
N LEU A 260 7.10 -2.72 -22.24
CA LEU A 260 8.48 -2.27 -22.22
C LEU A 260 8.82 -1.57 -23.54
N VAL A 261 7.92 -1.67 -24.51
CA VAL A 261 8.14 -1.10 -25.83
C VAL A 261 7.15 0.00 -26.20
N LEU A 262 5.93 -0.09 -25.68
CA LEU A 262 4.91 0.89 -25.99
C LEU A 262 4.37 1.63 -24.77
N CYS A 263 3.68 2.74 -25.05
CA CYS A 263 3.05 3.56 -24.02
C CYS A 263 1.90 4.20 -24.78
N GLU A 264 1.00 4.89 -24.08
CA GLU A 264 -0.16 5.49 -24.73
C GLU A 264 0.17 6.44 -25.89
N ASP A 265 1.30 7.15 -25.80
CA ASP A 265 1.68 8.08 -26.86
C ASP A 265 1.97 7.36 -28.17
N ASP A 266 2.06 6.03 -28.11
CA ASP A 266 2.33 5.24 -29.31
C ASP A 266 1.06 4.69 -29.95
N ILE A 267 -0.06 4.76 -29.24
CA ILE A 267 -1.32 4.26 -29.78
C ILE A 267 -1.78 5.17 -30.91
N PRO A 268 -1.83 4.62 -32.14
CA PRO A 268 -2.23 5.32 -33.36
C PRO A 268 -3.69 5.77 -33.39
N SER A 269 -4.56 4.95 -32.80
CA SER A 269 -5.98 5.27 -32.77
C SER A 269 -6.75 4.20 -32.03
N ALA A 270 -8.07 4.19 -32.22
CA ALA A 270 -8.92 3.21 -31.57
C ALA A 270 -8.77 1.82 -32.18
N ASP A 271 -7.53 1.35 -32.29
CA ASP A 271 -7.25 0.03 -32.83
C ASP A 271 -7.14 -0.98 -31.68
N PRO A 272 -8.12 -1.88 -31.56
CA PRO A 272 -8.17 -2.90 -30.52
C PRO A 272 -6.90 -3.70 -30.28
N ASN A 273 -6.02 -3.78 -31.27
CA ASN A 273 -4.76 -4.51 -31.10
C ASN A 273 -3.86 -3.78 -30.11
N PHE A 274 -4.28 -2.60 -29.70
CA PHE A 274 -3.52 -1.82 -28.74
C PHE A 274 -4.27 -1.82 -27.40
N LYS A 275 -5.29 -2.67 -27.30
CA LYS A 275 -6.08 -2.77 -26.08
C LYS A 275 -5.81 -4.04 -25.28
N MET A 276 -5.21 -3.86 -24.11
CA MET A 276 -4.92 -4.98 -23.22
C MET A 276 -5.03 -4.52 -21.77
N ASN A 277 -4.96 -5.46 -20.85
CA ASN A 277 -5.06 -5.15 -19.43
C ASN A 277 -3.94 -5.84 -18.66
N PRO A 278 -3.10 -5.05 -17.97
CA PRO A 278 -3.18 -3.60 -17.87
C PRO A 278 -2.93 -2.93 -19.23
N PRO A 279 -3.49 -1.73 -19.42
CA PRO A 279 -3.33 -0.97 -20.67
C PRO A 279 -1.96 -0.29 -20.80
N LEU A 280 -1.70 0.30 -21.96
CA LEU A 280 -0.45 1.01 -22.22
C LEU A 280 -0.61 2.41 -21.62
N ARG A 281 0.11 2.69 -20.55
CA ARG A 281 -0.01 3.98 -19.86
C ARG A 281 0.93 5.10 -20.35
N GLY A 282 1.10 6.11 -19.50
CA GLY A 282 1.96 7.24 -19.85
C GLY A 282 3.42 6.90 -20.04
N LYS A 283 4.15 7.82 -20.68
CA LYS A 283 5.57 7.62 -20.91
C LYS A 283 6.31 7.64 -19.58
N GLU A 284 5.70 8.30 -18.61
CA GLU A 284 6.26 8.40 -17.27
C GLU A 284 6.30 6.99 -16.68
N ASP A 285 5.22 6.24 -16.88
CA ASP A 285 5.13 4.88 -16.39
C ASP A 285 6.10 3.99 -17.17
N HIS A 286 6.20 4.24 -18.46
CA HIS A 286 7.09 3.46 -19.33
C HIS A 286 8.55 3.58 -18.87
N GLU A 287 8.97 4.78 -18.51
CA GLU A 287 10.34 5.00 -18.05
C GLU A 287 10.59 4.28 -16.73
N ALA A 288 9.59 4.31 -15.84
CA ALA A 288 9.70 3.66 -14.54
C ALA A 288 9.86 2.14 -14.70
N LEU A 289 9.22 1.58 -15.71
CA LEU A 289 9.31 0.14 -15.96
C LEU A 289 10.73 -0.21 -16.39
N ILE A 290 11.30 0.62 -17.27
CA ILE A 290 12.67 0.40 -17.75
C ILE A 290 13.62 0.52 -16.56
N GLU A 291 13.43 1.55 -15.74
CA GLU A 291 14.29 1.75 -14.59
C GLU A 291 14.14 0.60 -13.61
N GLY A 292 12.91 0.11 -13.49
CA GLY A 292 12.64 -1.01 -12.59
C GLY A 292 13.26 -2.29 -13.07
N LEU A 293 13.18 -2.55 -14.37
CA LEU A 293 13.75 -3.75 -14.94
C LEU A 293 15.27 -3.70 -14.82
N LEU A 294 15.82 -2.49 -14.74
CA LEU A 294 17.25 -2.28 -14.63
C LEU A 294 17.80 -2.33 -13.20
N ASP A 295 17.04 -1.83 -12.23
CA ASP A 295 17.52 -1.84 -10.85
C ASP A 295 17.25 -3.14 -10.11
N GLY A 296 16.45 -4.01 -10.72
CA GLY A 296 16.14 -5.28 -10.09
C GLY A 296 14.76 -5.36 -9.45
N THR A 297 13.99 -4.27 -9.51
CA THR A 297 12.65 -4.27 -8.91
C THR A 297 11.75 -5.22 -9.71
N ILE A 298 11.89 -5.20 -11.02
CA ILE A 298 11.11 -6.10 -11.87
C ILE A 298 12.06 -7.27 -12.17
N ASP A 299 11.69 -8.45 -11.69
CA ASP A 299 12.51 -9.64 -11.82
C ASP A 299 12.51 -10.41 -13.14
N MET A 300 11.56 -10.16 -14.02
CA MET A 300 11.53 -10.92 -15.25
C MET A 300 10.53 -10.40 -16.25
N ILE A 301 10.55 -11.01 -17.44
CA ILE A 301 9.64 -10.63 -18.50
C ILE A 301 8.71 -11.80 -18.80
N ALA A 302 7.42 -11.50 -18.84
CA ALA A 302 6.38 -12.47 -19.13
C ALA A 302 5.57 -11.87 -20.27
N THR A 303 5.15 -12.70 -21.22
CA THR A 303 4.41 -12.22 -22.38
C THR A 303 2.95 -11.87 -22.14
N ASP A 304 2.28 -12.69 -21.34
CA ASP A 304 0.86 -12.50 -21.07
C ASP A 304 0.13 -12.82 -22.38
N HIS A 305 0.59 -13.88 -23.05
CA HIS A 305 0.02 -14.34 -24.31
C HIS A 305 -1.51 -14.39 -24.21
N ALA A 306 -2.19 -13.52 -24.94
CA ALA A 306 -3.65 -13.47 -24.89
C ALA A 306 -4.30 -13.41 -26.26
N PRO A 307 -4.42 -14.57 -26.95
CA PRO A 307 -5.03 -14.65 -28.27
C PRO A 307 -6.53 -14.38 -28.30
N HIS A 308 -6.97 -13.80 -29.41
CA HIS A 308 -8.38 -13.46 -29.65
C HIS A 308 -8.61 -13.51 -31.15
N THR A 309 -9.85 -13.80 -31.56
CA THR A 309 -10.14 -13.88 -32.98
C THR A 309 -10.15 -12.51 -33.62
N ALA A 310 -9.95 -12.46 -34.94
CA ALA A 310 -9.92 -11.21 -35.67
C ALA A 310 -11.28 -10.51 -35.58
N GLU A 311 -12.34 -11.31 -35.67
CA GLU A 311 -13.70 -10.80 -35.61
C GLU A 311 -14.04 -10.15 -34.27
N GLU A 312 -13.61 -10.76 -33.16
CA GLU A 312 -13.87 -10.20 -31.84
C GLU A 312 -13.13 -8.87 -31.68
N LYS A 313 -11.95 -8.77 -32.28
CA LYS A 313 -11.13 -7.56 -32.23
C LYS A 313 -11.65 -6.52 -33.22
N ALA A 314 -12.60 -6.93 -34.06
CA ALA A 314 -13.18 -6.04 -35.06
C ALA A 314 -14.19 -5.10 -34.42
N GLN A 315 -14.58 -5.40 -33.19
CA GLN A 315 -15.53 -4.57 -32.45
C GLN A 315 -14.78 -3.30 -32.04
N GLY A 316 -15.51 -2.24 -31.68
CA GLY A 316 -14.85 -1.03 -31.26
C GLY A 316 -14.03 -1.30 -30.01
N ILE A 317 -13.00 -0.49 -29.76
CA ILE A 317 -12.17 -0.69 -28.58
C ILE A 317 -12.98 -0.67 -27.29
N GLU A 318 -14.19 -0.14 -27.36
CA GLU A 318 -15.06 -0.09 -26.19
C GLU A 318 -15.49 -1.50 -25.78
N ARG A 319 -15.92 -2.31 -26.74
CA ARG A 319 -16.38 -3.66 -26.46
C ARG A 319 -15.32 -4.73 -26.66
N ALA A 320 -14.42 -4.51 -27.60
CA ALA A 320 -13.37 -5.48 -27.91
C ALA A 320 -12.71 -6.00 -26.63
N PRO A 321 -12.24 -7.26 -26.67
CA PRO A 321 -11.58 -7.87 -25.51
C PRO A 321 -10.14 -7.40 -25.30
N PHE A 322 -9.66 -7.55 -24.07
CA PHE A 322 -8.29 -7.15 -23.71
C PHE A 322 -7.36 -8.28 -24.13
N GLY A 323 -6.15 -7.94 -24.58
CA GLY A 323 -5.21 -8.98 -24.96
C GLY A 323 -4.62 -8.94 -26.35
N ILE A 324 -3.36 -9.34 -26.45
CA ILE A 324 -2.64 -9.40 -27.71
C ILE A 324 -1.74 -10.63 -27.70
N THR A 325 -1.38 -11.13 -28.87
CA THR A 325 -0.50 -12.29 -28.99
C THR A 325 0.90 -11.85 -28.61
N GLY A 326 1.70 -12.77 -28.08
CA GLY A 326 3.06 -12.40 -27.68
C GLY A 326 4.14 -13.44 -27.92
N PHE A 327 3.76 -14.70 -28.02
CA PHE A 327 4.69 -15.80 -28.25
C PHE A 327 5.68 -15.62 -29.39
N GLU A 328 5.16 -15.43 -30.60
CA GLU A 328 5.97 -15.31 -31.79
C GLU A 328 6.65 -13.97 -32.04
N THR A 329 6.46 -13.02 -31.13
CA THR A 329 7.05 -11.68 -31.28
C THR A 329 7.99 -11.34 -30.12
N ALA A 330 7.73 -11.92 -28.97
CA ALA A 330 8.52 -11.68 -27.76
C ALA A 330 9.99 -11.32 -27.96
N PHE A 331 10.81 -12.31 -28.29
CA PHE A 331 12.26 -12.11 -28.45
C PHE A 331 12.71 -11.12 -29.51
N PRO A 332 12.35 -11.36 -30.79
CA PRO A 332 12.81 -10.40 -31.80
C PRO A 332 12.39 -8.97 -31.48
N LEU A 333 11.20 -8.81 -30.88
CA LEU A 333 10.66 -7.51 -30.52
C LEU A 333 11.50 -6.86 -29.41
N LEU A 334 12.05 -7.68 -28.52
CA LEU A 334 12.87 -7.19 -27.41
C LEU A 334 14.34 -7.05 -27.80
N TYR A 335 14.81 -7.95 -28.67
CA TYR A 335 16.19 -7.87 -29.09
C TYR A 335 16.43 -6.65 -29.99
N THR A 336 15.42 -6.26 -30.75
CA THR A 336 15.53 -5.12 -31.66
C THR A 336 15.32 -3.77 -30.99
N ASN A 337 14.31 -3.68 -30.13
CA ASN A 337 13.99 -2.42 -29.45
C ASN A 337 14.66 -2.19 -28.10
N LEU A 338 15.31 -3.22 -27.55
CA LEU A 338 15.99 -3.09 -26.25
C LEU A 338 17.49 -3.32 -26.34
N VAL A 339 17.90 -4.49 -26.81
CA VAL A 339 19.31 -4.82 -26.92
C VAL A 339 20.02 -3.93 -27.95
N LYS A 340 19.55 -4.01 -29.19
CA LYS A 340 20.13 -3.24 -30.28
C LYS A 340 20.10 -1.75 -29.94
N LYS A 341 19.11 -1.37 -29.13
CA LYS A 341 18.93 0.01 -28.72
C LYS A 341 19.89 0.38 -27.59
N GLY A 342 20.52 -0.64 -26.99
CA GLY A 342 21.47 -0.40 -25.91
C GLY A 342 20.88 -0.26 -24.52
N ILE A 343 19.55 -0.35 -24.41
CA ILE A 343 18.87 -0.22 -23.13
C ILE A 343 19.28 -1.34 -22.15
N ILE A 344 19.55 -2.52 -22.69
CA ILE A 344 20.00 -3.65 -21.89
C ILE A 344 20.94 -4.51 -22.74
N THR A 345 21.55 -5.50 -22.11
CA THR A 345 22.47 -6.39 -22.81
C THR A 345 21.77 -7.69 -23.21
N LEU A 346 22.44 -8.49 -24.04
CA LEU A 346 21.87 -9.76 -24.48
C LEU A 346 21.86 -10.68 -23.28
N GLU A 347 22.89 -10.58 -22.45
CA GLU A 347 23.00 -11.40 -21.26
C GLU A 347 21.73 -11.19 -20.43
N GLN A 348 21.38 -9.92 -20.23
CA GLN A 348 20.19 -9.56 -19.47
C GLN A 348 18.91 -10.06 -20.14
N LEU A 349 18.76 -9.78 -21.43
CA LEU A 349 17.58 -10.20 -22.18
C LEU A 349 17.37 -11.71 -22.06
N ILE A 350 18.46 -12.47 -22.16
CA ILE A 350 18.36 -13.93 -22.06
C ILE A 350 17.99 -14.39 -20.65
N GLN A 351 18.54 -13.73 -19.63
CA GLN A 351 18.27 -14.11 -18.25
C GLN A 351 16.83 -13.79 -17.83
N PHE A 352 16.31 -12.68 -18.32
CA PHE A 352 14.95 -12.27 -18.00
C PHE A 352 13.93 -13.23 -18.60
N LEU A 353 14.38 -14.05 -19.54
CA LEU A 353 13.52 -15.02 -20.21
C LEU A 353 13.91 -16.47 -19.94
N THR A 354 14.90 -16.67 -19.08
CA THR A 354 15.34 -18.03 -18.77
C THR A 354 15.57 -18.27 -17.28
N GLU A 355 16.83 -18.20 -16.86
CA GLU A 355 17.21 -18.44 -15.47
C GLU A 355 16.45 -17.67 -14.39
N LYS A 356 16.19 -16.38 -14.61
CA LYS A 356 15.48 -15.61 -13.60
C LYS A 356 14.07 -16.10 -13.29
N PRO A 357 13.25 -16.34 -14.32
CA PRO A 357 11.90 -16.84 -14.04
C PRO A 357 12.00 -18.17 -13.29
N ALA A 358 12.85 -19.05 -13.80
CA ALA A 358 13.07 -20.35 -13.22
C ALA A 358 13.55 -20.28 -11.77
N ASP A 359 14.54 -19.41 -11.52
CA ASP A 359 15.10 -19.23 -10.18
C ASP A 359 14.10 -18.67 -9.18
N THR A 360 13.18 -17.85 -9.65
CA THR A 360 12.17 -17.24 -8.80
C THR A 360 11.11 -18.25 -8.35
N PHE A 361 10.73 -19.15 -9.25
CA PHE A 361 9.72 -20.15 -8.95
C PHE A 361 10.26 -21.55 -8.69
N GLY A 362 11.58 -21.69 -8.69
CA GLY A 362 12.21 -22.97 -8.44
C GLY A 362 12.03 -24.00 -9.54
N LEU A 363 12.39 -23.64 -10.75
CA LEU A 363 12.27 -24.54 -11.89
C LEU A 363 13.66 -24.91 -12.41
N GLU A 364 13.74 -26.02 -13.14
CA GLU A 364 15.01 -26.49 -13.69
C GLU A 364 15.43 -25.75 -14.95
N ALA A 365 14.47 -25.47 -15.82
CA ALA A 365 14.73 -24.80 -17.09
C ALA A 365 15.55 -23.52 -16.98
N GLY A 366 15.86 -22.93 -18.12
CA GLY A 366 16.60 -21.68 -18.15
C GLY A 366 18.13 -21.72 -18.18
N ARG A 367 18.72 -22.90 -18.16
CA ARG A 367 20.18 -23.00 -18.15
C ARG A 367 20.78 -24.07 -19.05
N LEU A 368 21.90 -23.73 -19.66
CA LEU A 368 22.60 -24.66 -20.54
C LEU A 368 23.74 -25.29 -19.75
N LYS A 369 23.39 -26.25 -18.89
CA LYS A 369 24.37 -26.94 -18.06
C LYS A 369 24.47 -28.40 -18.49
N GLU A 370 25.66 -28.98 -18.34
CA GLU A 370 25.89 -30.37 -18.71
C GLU A 370 25.16 -31.33 -17.77
N GLY A 371 23.90 -31.59 -18.07
CA GLY A 371 23.12 -32.49 -17.24
C GLY A 371 21.64 -32.12 -17.28
N ARG A 372 21.37 -30.90 -17.71
CA ARG A 372 19.99 -30.40 -17.81
C ARG A 372 19.33 -30.89 -19.10
N THR A 373 18.02 -31.07 -19.06
CA THR A 373 17.27 -31.52 -20.23
C THR A 373 17.61 -30.65 -21.44
N ALA A 374 17.58 -31.26 -22.62
CA ALA A 374 17.90 -30.55 -23.86
C ALA A 374 16.81 -29.59 -24.32
N ASP A 375 16.54 -28.58 -23.51
CA ASP A 375 15.56 -27.55 -23.85
C ASP A 375 16.38 -26.41 -24.44
N ILE A 376 16.42 -26.34 -25.77
CA ILE A 376 17.21 -25.33 -26.44
C ILE A 376 16.49 -24.61 -27.59
N THR A 377 17.11 -23.55 -28.08
CA THR A 377 16.59 -22.76 -29.20
C THR A 377 17.74 -21.98 -29.83
N ILE A 378 17.85 -22.09 -31.15
CA ILE A 378 18.89 -21.39 -31.90
C ILE A 378 18.27 -20.12 -32.45
N ILE A 379 18.96 -19.00 -32.27
CA ILE A 379 18.42 -17.73 -32.74
C ILE A 379 19.33 -16.97 -33.71
N ASP A 380 18.73 -16.46 -34.79
CA ASP A 380 19.46 -15.70 -35.79
C ASP A 380 19.37 -14.23 -35.40
N LEU A 381 20.49 -13.66 -35.00
CA LEU A 381 20.56 -12.26 -34.57
C LEU A 381 20.93 -11.28 -35.67
N GLU A 382 21.19 -11.79 -36.88
CA GLU A 382 21.58 -10.94 -37.99
C GLU A 382 20.48 -10.69 -39.01
N GLN A 383 19.95 -11.79 -39.57
CA GLN A 383 18.89 -11.70 -40.58
C GLN A 383 17.75 -10.81 -40.09
N GLU A 384 17.41 -9.81 -40.91
CA GLU A 384 16.33 -8.90 -40.58
C GLU A 384 15.04 -9.48 -41.13
N GLU A 385 13.91 -9.10 -40.55
CA GLU A 385 12.62 -9.61 -41.00
C GLU A 385 11.42 -8.88 -40.39
N GLU A 386 10.42 -8.63 -41.22
CA GLU A 386 9.21 -7.95 -40.77
C GLU A 386 8.24 -8.92 -40.09
N ILE A 387 7.62 -8.46 -39.01
CA ILE A 387 6.66 -9.27 -38.28
C ILE A 387 5.35 -9.30 -39.08
N ASP A 388 4.92 -10.50 -39.46
CA ASP A 388 3.70 -10.66 -40.23
C ASP A 388 2.69 -11.63 -39.61
N PRO A 389 1.68 -11.10 -38.90
CA PRO A 389 0.67 -11.97 -38.27
C PRO A 389 0.10 -13.05 -39.20
N THR A 390 0.18 -12.79 -40.51
CA THR A 390 -0.31 -13.73 -41.52
C THR A 390 0.52 -15.01 -41.52
N THR A 391 1.71 -14.95 -40.94
CA THR A 391 2.60 -16.10 -40.90
C THR A 391 2.74 -16.70 -39.50
N PHE A 392 1.82 -16.34 -38.60
CA PHE A 392 1.84 -16.85 -37.22
C PHE A 392 1.21 -18.24 -37.12
N LEU A 393 1.73 -19.05 -36.20
CA LEU A 393 1.20 -20.39 -35.99
C LEU A 393 0.05 -20.35 -34.98
N SER A 394 0.04 -19.30 -34.16
CA SER A 394 -0.98 -19.11 -33.15
C SER A 394 -2.27 -18.67 -33.83
N LYS A 395 -3.41 -19.07 -33.28
CA LYS A 395 -4.68 -18.66 -33.85
C LYS A 395 -4.81 -17.17 -33.60
N GLY A 396 -4.18 -16.72 -32.52
CA GLY A 396 -4.20 -15.31 -32.16
C GLY A 396 -3.26 -14.50 -33.02
N LYS A 397 -3.84 -13.69 -33.90
CA LYS A 397 -3.07 -12.83 -34.78
C LYS A 397 -3.25 -11.38 -34.31
N ASN A 398 -3.89 -11.21 -33.16
CA ASN A 398 -4.14 -9.88 -32.61
C ASN A 398 -2.89 -9.23 -32.03
N THR A 399 -2.12 -8.58 -32.90
CA THR A 399 -0.89 -7.93 -32.48
C THR A 399 -0.76 -6.52 -33.06
N PRO A 400 -0.11 -5.61 -32.32
CA PRO A 400 0.07 -4.22 -32.76
C PRO A 400 1.43 -3.96 -33.41
N PHE A 401 2.26 -4.98 -33.55
CA PHE A 401 3.58 -4.80 -34.13
C PHE A 401 3.72 -5.28 -35.58
N ALA A 402 2.60 -5.30 -36.31
CA ALA A 402 2.64 -5.73 -37.70
C ALA A 402 3.48 -4.77 -38.52
N GLY A 403 4.42 -5.31 -39.29
CA GLY A 403 5.27 -4.47 -40.11
C GLY A 403 6.59 -4.07 -39.47
N TRP A 404 6.72 -4.26 -38.16
CA TRP A 404 7.95 -3.88 -37.46
C TRP A 404 9.13 -4.75 -37.89
N LYS A 405 10.15 -4.10 -38.45
CA LYS A 405 11.34 -4.80 -38.91
C LYS A 405 12.19 -5.15 -37.69
N CYS A 406 12.53 -6.43 -37.54
CA CYS A 406 13.32 -6.88 -36.39
C CYS A 406 14.41 -7.89 -36.75
N GLN A 407 15.20 -8.23 -35.73
CA GLN A 407 16.27 -9.21 -35.81
C GLN A 407 16.11 -10.14 -34.60
N GLY A 408 16.93 -11.17 -34.52
CA GLY A 408 16.84 -12.09 -33.40
C GLY A 408 15.60 -12.96 -33.43
N TRP A 409 15.45 -13.74 -34.50
CA TRP A 409 14.31 -14.63 -34.65
C TRP A 409 14.75 -16.06 -34.40
N PRO A 410 13.97 -16.82 -33.60
CA PRO A 410 14.37 -18.21 -33.35
C PRO A 410 14.17 -18.99 -34.65
N VAL A 411 15.16 -19.78 -35.05
CA VAL A 411 15.04 -20.56 -36.27
C VAL A 411 14.74 -22.04 -35.97
N MET A 412 15.06 -22.47 -34.76
CA MET A 412 14.84 -23.85 -34.34
C MET A 412 14.67 -23.93 -32.82
N THR A 413 13.78 -24.81 -32.37
CA THR A 413 13.54 -24.99 -30.94
C THR A 413 13.56 -26.47 -30.59
N ILE A 414 14.23 -26.81 -29.49
CA ILE A 414 14.35 -28.20 -29.07
C ILE A 414 13.78 -28.44 -27.68
N VAL A 415 12.83 -29.36 -27.60
CA VAL A 415 12.21 -29.72 -26.33
C VAL A 415 12.68 -31.12 -25.96
N GLY A 416 13.50 -31.22 -24.91
CA GLY A 416 14.00 -32.51 -24.47
C GLY A 416 14.68 -33.35 -25.54
N GLY A 417 15.60 -32.73 -26.29
CA GLY A 417 16.29 -33.46 -27.33
C GLY A 417 15.55 -33.55 -28.65
N LYS A 418 14.23 -33.44 -28.58
CA LYS A 418 13.37 -33.50 -29.76
C LYS A 418 13.13 -32.11 -30.37
N ILE A 419 13.15 -32.02 -31.69
CA ILE A 419 12.89 -30.76 -32.37
C ILE A 419 11.39 -30.50 -32.37
N ALA A 420 10.97 -29.40 -31.72
CA ALA A 420 9.55 -29.05 -31.65
C ALA A 420 9.15 -28.13 -32.80
N TRP A 421 10.11 -27.37 -33.33
CA TRP A 421 9.83 -26.47 -34.44
C TRP A 421 11.11 -26.03 -35.17
N GLN A 422 10.99 -25.88 -36.48
CA GLN A 422 12.13 -25.48 -37.31
C GLN A 422 11.67 -24.42 -38.32
N LYS A 423 12.55 -23.48 -38.64
CA LYS A 423 12.23 -22.41 -39.59
C LYS A 423 11.57 -22.89 -40.88
N GLU A 424 12.02 -24.03 -41.40
CA GLU A 424 11.48 -24.61 -42.63
C GLU A 424 12.04 -23.97 -43.90
N SER A 425 12.99 -23.06 -43.73
CA SER A 425 13.61 -22.39 -44.87
C SER A 425 14.81 -21.55 -44.42
N ALA A 426 15.99 -22.15 -44.45
CA ALA A 426 17.20 -21.45 -44.04
C ALA A 426 17.51 -20.27 -44.96
N MET B 1 -8.80 43.57 29.40
CA MET B 1 -7.99 42.77 30.35
C MET B 1 -6.52 43.20 30.29
N ASN B 2 -5.71 42.65 31.19
CA ASN B 2 -4.29 42.99 31.22
C ASN B 2 -3.53 42.22 32.30
N TYR B 3 -2.92 41.10 31.88
CA TYR B 3 -2.13 40.26 32.78
C TYR B 3 -0.65 40.40 32.48
N LEU B 4 0.18 39.72 33.27
CA LEU B 4 1.62 39.72 33.10
C LEU B 4 2.27 38.67 34.00
N PHE B 5 2.51 37.48 33.44
CA PHE B 5 3.13 36.39 34.19
C PHE B 5 4.60 36.68 34.43
N LYS B 6 5.04 36.54 35.68
CA LYS B 6 6.42 36.81 36.03
C LYS B 6 7.22 35.57 36.41
N ASN B 7 8.52 35.64 36.15
CA ASN B 7 9.46 34.56 36.43
C ASN B 7 8.97 33.17 36.02
N GLY B 8 9.10 32.87 34.74
CA GLY B 8 8.68 31.58 34.23
C GLY B 8 9.68 31.02 33.24
N ARG B 9 9.35 29.88 32.65
CA ARG B 9 10.23 29.23 31.68
C ARG B 9 9.47 29.02 30.37
N TYR B 10 10.11 29.32 29.25
CA TYR B 10 9.46 29.15 27.94
C TYR B 10 10.45 28.75 26.86
N MET B 11 9.92 28.23 25.75
CA MET B 11 10.74 27.80 24.62
C MET B 11 10.82 28.91 23.58
N ASN B 12 12.04 29.41 23.34
CA ASN B 12 12.23 30.46 22.36
C ASN B 12 12.05 29.91 20.94
N GLU B 13 12.23 30.77 19.94
CA GLU B 13 12.05 30.35 18.55
C GLU B 13 13.13 29.37 18.09
N GLU B 14 14.22 29.28 18.87
CA GLU B 14 15.31 28.38 18.54
C GLU B 14 15.10 26.98 19.14
N GLY B 15 14.03 26.82 19.90
CA GLY B 15 13.73 25.54 20.50
C GLY B 15 14.53 25.25 21.76
N LYS B 16 14.69 26.26 22.61
CA LYS B 16 15.42 26.09 23.86
C LYS B 16 14.71 26.82 24.99
N ILE B 17 14.64 26.18 26.15
CA ILE B 17 13.96 26.73 27.32
C ILE B 17 14.76 27.80 28.06
N VAL B 18 14.27 29.03 28.00
CA VAL B 18 14.91 30.15 28.68
C VAL B 18 13.88 30.87 29.54
N ALA B 19 14.29 31.29 30.73
CA ALA B 19 13.40 31.98 31.65
C ALA B 19 13.07 33.38 31.18
N THR B 20 11.78 33.71 31.16
CA THR B 20 11.31 35.03 30.75
C THR B 20 9.94 35.31 31.35
N ASP B 21 9.35 36.43 30.97
CA ASP B 21 8.03 36.83 31.43
C ASP B 21 7.11 36.92 30.23
N LEU B 22 5.82 37.16 30.48
CA LEU B 22 4.86 37.26 29.39
C LEU B 22 3.73 38.21 29.75
N LEU B 23 3.50 39.19 28.88
CA LEU B 23 2.44 40.18 29.08
C LEU B 23 1.25 39.86 28.18
N VAL B 24 0.05 40.08 28.70
CA VAL B 24 -1.17 39.82 27.93
C VAL B 24 -2.10 41.03 27.94
N GLN B 25 -2.25 41.67 26.79
CA GLN B 25 -3.11 42.84 26.65
C GLN B 25 -4.22 42.59 25.64
N ASP B 26 -5.46 42.68 26.11
CA ASP B 26 -6.63 42.49 25.25
C ASP B 26 -6.67 41.11 24.59
N GLY B 27 -6.58 40.07 25.42
CA GLY B 27 -6.62 38.70 24.91
C GLY B 27 -5.63 38.40 23.81
N LYS B 28 -4.47 39.05 23.85
CA LYS B 28 -3.44 38.85 22.84
C LYS B 28 -2.05 39.04 23.44
N ILE B 29 -1.12 38.16 23.08
CA ILE B 29 0.25 38.24 23.58
C ILE B 29 0.86 39.59 23.23
N ALA B 30 0.82 40.50 24.20
CA ALA B 30 1.35 41.85 23.99
C ALA B 30 2.87 41.89 23.92
N LYS B 31 3.53 41.29 24.90
CA LYS B 31 4.98 41.31 24.93
C LYS B 31 5.58 40.05 25.55
N VAL B 32 6.66 39.56 24.95
CA VAL B 32 7.37 38.38 25.45
C VAL B 32 8.82 38.76 25.62
N ALA B 33 9.32 38.68 26.86
CA ALA B 33 10.70 39.02 27.16
C ALA B 33 10.97 38.90 28.65
N GLU B 34 12.21 39.17 29.05
CA GLU B 34 12.60 39.10 30.45
C GLU B 34 12.31 40.42 31.17
N ASN B 35 11.90 40.32 32.42
CA ASN B 35 11.58 41.50 33.24
C ASN B 35 10.70 42.48 32.50
N ILE B 36 9.58 41.99 31.96
CA ILE B 36 8.64 42.84 31.24
C ILE B 36 7.98 43.80 32.22
N THR B 37 8.46 45.04 32.25
CA THR B 37 7.92 46.06 33.14
C THR B 37 6.60 46.62 32.64
N ALA B 38 5.53 46.30 33.36
CA ALA B 38 4.19 46.76 33.01
C ALA B 38 3.42 47.05 34.29
N ASP B 39 3.68 48.22 34.88
CA ASP B 39 3.03 48.64 36.11
C ASP B 39 1.56 48.98 35.93
N ASN B 40 0.87 48.23 35.09
CA ASN B 40 -0.55 48.47 34.85
C ASN B 40 -1.34 47.18 34.59
N ALA B 41 -0.76 46.06 34.99
CA ALA B 41 -1.40 44.75 34.82
C ALA B 41 -1.27 43.91 36.07
N GLU B 42 -2.30 43.14 36.39
CA GLU B 42 -2.27 42.28 37.58
C GLU B 42 -1.17 41.24 37.42
N VAL B 43 -0.26 41.20 38.38
CA VAL B 43 0.86 40.27 38.35
C VAL B 43 0.47 38.87 38.82
N ILE B 44 0.96 37.87 38.09
CA ILE B 44 0.71 36.47 38.43
C ILE B 44 2.03 35.72 38.34
N ASP B 45 2.78 35.71 39.43
CA ASP B 45 4.08 35.05 39.46
C ASP B 45 3.91 33.54 39.38
N VAL B 46 4.57 32.93 38.39
CA VAL B 46 4.49 31.49 38.19
C VAL B 46 5.61 30.74 38.89
N ASN B 47 6.38 31.45 39.70
CA ASN B 47 7.48 30.86 40.45
C ASN B 47 8.35 29.87 39.67
N GLY B 48 8.76 30.27 38.47
CA GLY B 48 9.60 29.43 37.65
C GLY B 48 8.92 28.26 36.95
N LYS B 49 7.60 28.16 37.05
CA LYS B 49 6.89 27.09 36.38
C LYS B 49 6.90 27.26 34.87
N LEU B 50 6.54 26.20 34.16
CA LEU B 50 6.55 26.20 32.70
C LEU B 50 5.41 27.01 32.07
N ILE B 51 5.78 27.95 31.20
CA ILE B 51 4.83 28.79 30.48
C ILE B 51 4.87 28.35 29.02
N ALA B 52 3.74 27.87 28.51
CA ALA B 52 3.69 27.40 27.13
C ALA B 52 2.39 27.72 26.42
N PRO B 53 2.37 27.63 25.09
CA PRO B 53 1.17 27.91 24.32
C PRO B 53 0.12 26.84 24.56
N GLY B 54 -1.15 27.22 24.43
CA GLY B 54 -2.22 26.26 24.65
C GLY B 54 -2.01 25.02 23.80
N LEU B 55 -2.22 23.86 24.40
CA LEU B 55 -2.04 22.60 23.70
C LEU B 55 -3.07 22.43 22.59
N VAL B 56 -2.65 21.81 21.49
CA VAL B 56 -3.52 21.59 20.34
C VAL B 56 -3.83 20.11 20.14
N ASP B 57 -5.06 19.71 20.42
CA ASP B 57 -5.46 18.31 20.26
C ASP B 57 -6.28 18.23 18.98
N VAL B 58 -5.73 17.57 17.97
CA VAL B 58 -6.41 17.47 16.69
C VAL B 58 -7.29 16.23 16.53
N HIS B 59 -7.59 15.55 17.63
CA HIS B 59 -8.43 14.36 17.56
C HIS B 59 -9.14 14.10 18.89
N VAL B 60 -10.38 14.56 18.99
CA VAL B 60 -11.17 14.42 20.21
C VAL B 60 -12.60 13.90 19.96
N HIS B 61 -13.21 13.35 21.01
CA HIS B 61 -14.58 12.84 20.93
C HIS B 61 -15.43 13.44 22.04
N LEU B 62 -16.17 14.50 21.73
CA LEU B 62 -17.01 15.17 22.73
C LEU B 62 -18.35 14.49 22.98
N ARG B 63 -18.70 13.52 22.13
CA ARG B 63 -19.95 12.76 22.27
C ARG B 63 -21.25 13.52 22.01
N GLU B 64 -21.25 14.83 22.28
CA GLU B 64 -22.42 15.66 22.06
C GLU B 64 -22.36 16.24 20.65
N PRO B 65 -23.47 16.17 19.89
CA PRO B 65 -24.76 15.56 20.25
C PRO B 65 -24.77 14.05 20.01
N GLY B 66 -25.62 13.35 20.75
CA GLY B 66 -25.73 11.92 20.60
C GLY B 66 -25.79 11.21 21.95
N GLY B 67 -24.64 11.10 22.60
CA GLY B 67 -24.57 10.46 23.89
C GLY B 67 -24.05 11.46 24.90
N GLU B 68 -24.89 12.42 25.24
CA GLU B 68 -24.52 13.49 26.18
C GLU B 68 -24.19 12.95 27.56
N HIS B 69 -24.46 11.66 27.80
CA HIS B 69 -24.18 11.03 29.09
C HIS B 69 -22.72 10.62 29.20
N LYS B 70 -22.12 10.23 28.08
CA LYS B 70 -20.71 9.83 28.06
C LYS B 70 -19.84 11.06 28.31
N GLU B 71 -20.23 12.17 27.71
CA GLU B 71 -19.51 13.42 27.85
C GLU B 71 -20.41 14.54 27.31
N THR B 72 -19.98 15.78 27.51
CA THR B 72 -20.72 16.95 27.06
C THR B 72 -19.71 17.93 26.48
N ILE B 73 -20.18 18.86 25.66
CA ILE B 73 -19.30 19.84 25.06
C ILE B 73 -18.67 20.75 26.13
N GLU B 74 -19.42 21.08 27.18
CA GLU B 74 -18.87 21.93 28.22
C GLU B 74 -18.00 21.17 29.20
N THR B 75 -18.40 19.93 29.52
CA THR B 75 -17.63 19.13 30.44
C THR B 75 -16.37 18.60 29.77
N GLY B 76 -16.51 18.11 28.54
CA GLY B 76 -15.36 17.59 27.81
C GLY B 76 -14.38 18.70 27.53
N THR B 77 -14.92 19.91 27.36
CA THR B 77 -14.11 21.09 27.07
C THR B 77 -13.43 21.60 28.34
N LEU B 78 -14.06 21.38 29.48
CA LEU B 78 -13.50 21.83 30.74
C LEU B 78 -12.30 20.96 31.09
N ALA B 79 -12.46 19.65 30.97
CA ALA B 79 -11.38 18.72 31.25
C ALA B 79 -10.21 19.03 30.33
N ALA B 80 -10.54 19.29 29.06
CA ALA B 80 -9.54 19.61 28.05
C ALA B 80 -8.69 20.76 28.52
N ALA B 81 -9.33 21.78 29.08
CA ALA B 81 -8.64 22.95 29.57
C ALA B 81 -7.77 22.57 30.75
N LYS B 82 -8.25 21.61 31.54
CA LYS B 82 -7.50 21.15 32.70
C LYS B 82 -6.22 20.47 32.25
N GLY B 83 -6.25 19.88 31.06
CA GLY B 83 -5.10 19.20 30.52
C GLY B 83 -4.16 20.15 29.80
N GLY B 84 -4.57 21.41 29.69
CA GLY B 84 -3.74 22.41 29.04
C GLY B 84 -4.10 22.77 27.61
N PHE B 85 -5.10 22.10 27.05
CA PHE B 85 -5.51 22.36 25.68
C PHE B 85 -6.34 23.65 25.54
N THR B 86 -6.04 24.43 24.50
CA THR B 86 -6.78 25.65 24.23
C THR B 86 -7.50 25.51 22.90
N THR B 87 -7.13 24.48 22.14
CA THR B 87 -7.76 24.22 20.84
C THR B 87 -7.84 22.72 20.59
N ILE B 88 -9.06 22.20 20.48
CA ILE B 88 -9.28 20.78 20.22
C ILE B 88 -10.09 20.62 18.94
N CYS B 89 -10.18 19.39 18.44
CA CYS B 89 -10.93 19.11 17.22
C CYS B 89 -11.82 17.89 17.39
N ALA B 90 -13.12 18.12 17.54
CA ALA B 90 -14.08 17.04 17.74
C ALA B 90 -14.36 16.24 16.47
N MET B 91 -14.48 14.93 16.62
CA MET B 91 -14.76 14.03 15.50
C MET B 91 -16.25 14.05 15.16
N PRO B 92 -16.58 13.66 13.92
CA PRO B 92 -17.97 13.63 13.44
C PRO B 92 -18.77 12.38 13.75
N ASN B 93 -18.22 11.44 14.50
CA ASN B 93 -18.93 10.21 14.82
C ASN B 93 -19.97 10.38 15.92
N THR B 94 -20.73 11.46 15.82
CA THR B 94 -21.79 11.77 16.78
C THR B 94 -23.13 11.66 16.08
N ARG B 95 -24.19 11.38 16.84
CA ARG B 95 -25.52 11.24 16.27
C ARG B 95 -26.42 12.38 16.77
N PRO B 96 -26.86 13.27 15.86
CA PRO B 96 -26.61 13.32 14.42
C PRO B 96 -25.18 13.68 14.02
N VAL B 97 -24.78 13.19 12.84
CA VAL B 97 -23.45 13.43 12.29
C VAL B 97 -23.43 14.73 11.49
N PRO B 98 -22.35 15.52 11.62
CA PRO B 98 -22.24 16.78 10.89
C PRO B 98 -22.00 16.50 9.41
N ASP B 99 -23.03 15.97 8.73
CA ASP B 99 -22.92 15.65 7.31
C ASP B 99 -23.66 16.60 6.38
N CYS B 100 -24.28 17.63 6.94
CA CYS B 100 -25.02 18.60 6.15
C CYS B 100 -24.96 20.00 6.75
N ARG B 101 -25.75 20.92 6.19
CA ARG B 101 -25.76 22.29 6.67
C ARG B 101 -26.41 22.42 8.05
N GLU B 102 -27.67 22.01 8.14
CA GLU B 102 -28.41 22.11 9.40
C GLU B 102 -27.66 21.51 10.58
N HIS B 103 -27.01 20.36 10.37
CA HIS B 103 -26.26 19.70 11.43
C HIS B 103 -24.99 20.46 11.82
N MET B 104 -24.24 20.93 10.82
CA MET B 104 -23.00 21.66 11.09
C MET B 104 -23.30 22.98 11.80
N GLU B 105 -24.49 23.52 11.55
CA GLU B 105 -24.88 24.79 12.17
C GLU B 105 -25.28 24.55 13.62
N ASP B 106 -26.07 23.51 13.84
CA ASP B 106 -26.52 23.17 15.19
C ASP B 106 -25.36 22.79 16.08
N LEU B 107 -24.30 22.23 15.49
CA LEU B 107 -23.12 21.84 16.25
C LEU B 107 -22.28 23.08 16.48
N GLN B 108 -22.16 23.91 15.43
CA GLN B 108 -21.37 25.12 15.53
C GLN B 108 -22.00 26.10 16.55
N ASN B 109 -23.26 25.87 16.89
CA ASN B 109 -23.96 26.72 17.85
C ASN B 109 -23.62 26.28 19.28
N ARG B 110 -23.83 25.01 19.56
CA ARG B 110 -23.54 24.44 20.87
C ARG B 110 -22.14 24.85 21.32
N ILE B 111 -21.21 24.90 20.37
CA ILE B 111 -19.83 25.26 20.65
C ILE B 111 -19.68 26.71 21.11
N LYS B 112 -20.07 27.65 20.25
CA LYS B 112 -19.94 29.06 20.57
C LYS B 112 -20.87 29.42 21.74
N GLU B 113 -21.58 28.42 22.24
CA GLU B 113 -22.52 28.61 23.34
C GLU B 113 -22.00 28.03 24.65
N LYS B 114 -21.78 26.72 24.67
CA LYS B 114 -21.29 26.05 25.87
C LYS B 114 -20.03 25.22 25.64
N ALA B 115 -18.92 25.91 25.39
CA ALA B 115 -17.63 25.28 25.16
C ALA B 115 -16.54 26.20 25.72
N HIS B 116 -15.92 25.77 26.81
CA HIS B 116 -14.89 26.55 27.49
C HIS B 116 -13.56 26.65 26.75
N VAL B 117 -13.50 26.17 25.51
CA VAL B 117 -12.26 26.23 24.74
C VAL B 117 -12.52 26.11 23.23
N ASN B 118 -11.54 26.53 22.43
CA ASN B 118 -11.66 26.48 20.97
C ASN B 118 -12.02 25.06 20.49
N VAL B 119 -13.07 24.95 19.67
CA VAL B 119 -13.49 23.65 19.16
C VAL B 119 -13.74 23.62 17.66
N LEU B 120 -12.72 23.23 16.90
CA LEU B 120 -12.81 23.12 15.45
C LEU B 120 -13.52 21.81 15.14
N PRO B 121 -14.72 21.89 14.54
CA PRO B 121 -15.50 20.69 14.19
C PRO B 121 -15.04 19.96 12.93
N TYR B 122 -14.95 18.64 13.03
CA TYR B 122 -14.55 17.83 11.88
C TYR B 122 -15.74 17.61 10.97
N GLY B 123 -15.54 17.77 9.67
CA GLY B 123 -16.61 17.54 8.73
C GLY B 123 -16.57 16.07 8.34
N ALA B 124 -17.74 15.46 8.15
CA ALA B 124 -17.79 14.05 7.77
C ALA B 124 -17.49 13.88 6.28
N ILE B 125 -17.13 12.66 5.88
CA ILE B 125 -16.83 12.38 4.49
C ILE B 125 -18.08 11.87 3.78
N THR B 126 -18.84 11.02 4.46
CA THR B 126 -20.08 10.49 3.91
C THR B 126 -21.21 10.75 4.91
N VAL B 127 -22.42 10.90 4.38
CA VAL B 127 -23.60 11.17 5.20
C VAL B 127 -23.86 10.01 6.17
N ARG B 128 -24.08 10.35 7.43
CA ARG B 128 -24.34 9.36 8.47
C ARG B 128 -23.19 8.35 8.54
N GLN B 129 -22.06 8.73 7.93
CA GLN B 129 -20.87 7.88 7.91
C GLN B 129 -21.20 6.48 7.40
N ALA B 130 -22.21 6.40 6.54
CA ALA B 130 -22.63 5.14 5.94
C ALA B 130 -21.66 4.74 4.84
N GLY B 131 -20.87 5.71 4.38
CA GLY B 131 -19.89 5.46 3.35
C GLY B 131 -20.43 5.07 1.99
N SER B 132 -21.65 5.49 1.67
CA SER B 132 -22.24 5.17 0.37
C SER B 132 -22.50 6.43 -0.44
N GLU B 133 -22.52 7.58 0.24
CA GLU B 133 -22.75 8.85 -0.43
C GLU B 133 -21.86 9.93 0.17
N MET B 134 -21.21 10.71 -0.69
CA MET B 134 -20.33 11.76 -0.23
C MET B 134 -21.10 13.02 0.17
N THR B 135 -20.62 13.72 1.18
CA THR B 135 -21.27 14.93 1.66
C THR B 135 -20.85 16.13 0.83
N ASP B 136 -21.52 17.26 1.07
CA ASP B 136 -21.22 18.49 0.35
C ASP B 136 -20.01 19.17 1.00
N PHE B 137 -18.81 18.84 0.52
CA PHE B 137 -17.58 19.41 1.07
C PHE B 137 -17.53 20.95 0.98
N GLU B 138 -18.26 21.51 0.03
CA GLU B 138 -18.29 22.96 -0.16
C GLU B 138 -19.01 23.64 1.01
N THR B 139 -20.20 23.14 1.33
CA THR B 139 -21.00 23.68 2.43
C THR B 139 -20.23 23.60 3.75
N LEU B 140 -19.85 22.38 4.13
CA LEU B 140 -19.11 22.16 5.37
C LEU B 140 -17.86 23.04 5.40
N LYS B 141 -17.21 23.19 4.25
CA LYS B 141 -16.02 24.01 4.13
C LYS B 141 -16.38 25.44 4.55
N GLU B 142 -17.49 25.94 4.01
CA GLU B 142 -17.95 27.29 4.32
C GLU B 142 -18.33 27.41 5.79
N LEU B 143 -19.06 26.42 6.31
CA LEU B 143 -19.49 26.42 7.69
C LEU B 143 -18.33 26.20 8.67
N GLY B 144 -17.13 26.58 8.25
CA GLY B 144 -15.95 26.45 9.10
C GLY B 144 -15.56 25.06 9.57
N ALA B 145 -15.64 24.07 8.67
CA ALA B 145 -15.26 22.70 9.03
C ALA B 145 -13.74 22.58 8.99
N PHE B 146 -13.17 21.95 10.01
CA PHE B 146 -11.72 21.76 10.13
C PHE B 146 -11.13 20.86 9.04
N ALA B 147 -11.73 19.68 8.85
CA ALA B 147 -11.27 18.74 7.85
C ALA B 147 -12.32 17.65 7.65
N PHE B 148 -12.09 16.74 6.71
CA PHE B 148 -13.05 15.68 6.44
C PHE B 148 -12.57 14.30 6.86
N THR B 149 -13.45 13.55 7.52
CA THR B 149 -13.14 12.20 7.99
C THR B 149 -14.39 11.43 8.41
N ASP B 150 -14.25 10.11 8.53
CA ASP B 150 -15.34 9.25 8.97
C ASP B 150 -14.88 8.53 10.23
N ASP B 151 -13.97 9.16 10.96
CA ASP B 151 -13.40 8.60 12.18
C ASP B 151 -14.35 7.72 12.99
N GLY B 152 -13.82 6.58 13.43
CA GLY B 152 -14.60 5.62 14.18
C GLY B 152 -14.64 4.41 13.29
N VAL B 153 -14.89 4.67 12.00
CA VAL B 153 -14.95 3.63 10.99
C VAL B 153 -14.11 4.09 9.79
N GLY B 154 -13.70 3.14 8.95
CA GLY B 154 -12.90 3.49 7.78
C GLY B 154 -13.71 3.53 6.50
N VAL B 155 -13.21 4.27 5.51
CA VAL B 155 -13.89 4.38 4.22
C VAL B 155 -13.57 3.11 3.42
N GLN B 156 -14.49 2.16 3.45
CA GLN B 156 -14.29 0.88 2.76
C GLN B 156 -14.18 0.95 1.23
N ASP B 157 -15.00 1.79 0.60
CA ASP B 157 -14.96 1.90 -0.85
C ASP B 157 -13.81 2.79 -1.33
N ALA B 158 -12.90 2.18 -2.09
CA ALA B 158 -11.73 2.88 -2.61
C ALA B 158 -12.08 4.06 -3.51
N SER B 159 -13.04 3.88 -4.41
CA SER B 159 -13.44 4.94 -5.33
C SER B 159 -14.04 6.14 -4.60
N MET B 160 -14.61 5.90 -3.42
CA MET B 160 -15.18 6.97 -2.63
C MET B 160 -14.04 7.80 -2.05
N MET B 161 -12.96 7.12 -1.64
CA MET B 161 -11.80 7.80 -1.08
C MET B 161 -11.07 8.63 -2.11
N LEU B 162 -11.01 8.13 -3.35
CA LEU B 162 -10.34 8.87 -4.41
C LEU B 162 -11.13 10.13 -4.69
N ALA B 163 -12.45 9.99 -4.82
CA ALA B 163 -13.33 11.11 -5.09
C ALA B 163 -13.20 12.14 -3.97
N ALA B 164 -13.26 11.66 -2.74
CA ALA B 164 -13.14 12.52 -1.57
C ALA B 164 -11.85 13.32 -1.58
N MET B 165 -10.75 12.68 -1.98
CA MET B 165 -9.45 13.35 -2.00
C MET B 165 -9.34 14.38 -3.12
N LYS B 166 -10.01 14.12 -4.25
CA LYS B 166 -10.00 15.02 -5.38
C LYS B 166 -10.69 16.33 -4.97
N ARG B 167 -11.91 16.19 -4.47
CA ARG B 167 -12.72 17.32 -4.02
C ARG B 167 -12.07 18.09 -2.87
N ALA B 168 -11.54 17.36 -1.89
CA ALA B 168 -10.88 18.00 -0.76
C ALA B 168 -9.66 18.77 -1.25
N ALA B 169 -8.94 18.18 -2.20
CA ALA B 169 -7.75 18.81 -2.76
C ALA B 169 -8.10 20.14 -3.43
N LYS B 170 -9.23 20.17 -4.13
CA LYS B 170 -9.66 21.38 -4.79
C LYS B 170 -9.93 22.47 -3.76
N LEU B 171 -10.62 22.09 -2.68
CA LEU B 171 -10.96 23.02 -1.61
C LEU B 171 -9.77 23.34 -0.71
N ASN B 172 -8.61 22.84 -1.08
CA ASN B 172 -7.37 23.06 -0.33
C ASN B 172 -7.50 22.60 1.13
N MET B 173 -7.98 21.37 1.32
CA MET B 173 -8.14 20.85 2.66
C MET B 173 -7.65 19.41 2.78
N ALA B 174 -7.64 18.90 4.01
CA ALA B 174 -7.16 17.56 4.26
C ALA B 174 -8.23 16.49 4.48
N VAL B 175 -7.83 15.25 4.27
CA VAL B 175 -8.71 14.11 4.48
C VAL B 175 -8.07 13.30 5.59
N VAL B 176 -8.71 13.28 6.74
CA VAL B 176 -8.21 12.54 7.90
C VAL B 176 -8.89 11.17 7.88
N ALA B 177 -8.13 10.12 8.16
CA ALA B 177 -8.72 8.80 8.11
C ALA B 177 -8.46 7.84 9.25
N HIS B 178 -9.49 7.06 9.55
CA HIS B 178 -9.45 6.02 10.56
C HIS B 178 -9.22 4.81 9.66
N CYS B 179 -7.97 4.42 9.48
CA CYS B 179 -7.64 3.28 8.63
C CYS B 179 -8.03 1.94 9.24
N GLU B 180 -9.00 1.27 8.61
CA GLU B 180 -9.47 -0.02 9.11
C GLU B 180 -10.26 -0.82 8.08
N GLU B 181 -9.70 -1.94 7.63
CA GLU B 181 -10.34 -2.82 6.65
C GLU B 181 -11.22 -3.83 7.40
N ASN B 182 -12.52 -3.67 7.27
CA ASN B 182 -13.46 -4.53 7.97
C ASN B 182 -13.32 -6.04 7.81
N THR B 183 -13.07 -6.51 6.58
CA THR B 183 -12.93 -7.95 6.36
C THR B 183 -11.77 -8.54 7.14
N LEU B 184 -10.96 -7.69 7.76
CA LEU B 184 -9.80 -8.15 8.53
C LEU B 184 -9.93 -7.92 10.04
N ILE B 185 -11.02 -7.29 10.46
CA ILE B 185 -11.23 -7.01 11.88
C ILE B 185 -11.22 -8.30 12.71
N ASN B 186 -11.67 -9.40 12.11
CA ASN B 186 -11.70 -10.68 12.80
C ASN B 186 -12.46 -10.51 14.12
N LYS B 187 -13.27 -9.47 14.18
CA LYS B 187 -14.08 -9.13 15.35
C LYS B 187 -13.31 -9.27 16.65
N GLY B 188 -12.05 -8.83 16.65
CA GLY B 188 -11.23 -8.91 17.84
C GLY B 188 -11.58 -7.78 18.78
N CYS B 189 -11.04 -7.83 19.99
CA CYS B 189 -11.29 -6.80 21.00
C CYS B 189 -9.97 -6.22 21.47
N VAL B 190 -8.88 -6.83 21.01
CA VAL B 190 -7.53 -6.40 21.35
C VAL B 190 -6.63 -6.66 20.13
N HIS B 191 -5.33 -6.69 20.36
CA HIS B 191 -4.38 -6.95 19.29
C HIS B 191 -4.21 -8.45 19.11
N GLU B 192 -4.09 -8.90 17.86
CA GLU B 192 -3.90 -10.32 17.60
C GLU B 192 -2.42 -10.63 17.84
N GLY B 193 -2.11 -11.10 19.05
CA GLY B 193 -0.73 -11.42 19.38
C GLY B 193 -0.63 -12.26 20.64
N LYS B 194 0.41 -12.02 21.43
CA LYS B 194 0.62 -12.77 22.66
C LYS B 194 -0.54 -12.69 23.65
N PHE B 195 -1.01 -11.48 23.93
CA PHE B 195 -2.12 -11.29 24.87
C PHE B 195 -3.39 -12.01 24.46
N SER B 196 -3.83 -11.81 23.22
CA SER B 196 -5.05 -12.46 22.73
C SER B 196 -4.89 -13.98 22.69
N GLU B 197 -3.66 -14.43 22.60
CA GLU B 197 -3.34 -15.85 22.53
C GLU B 197 -3.40 -16.55 23.89
N LYS B 198 -3.13 -15.81 24.95
CA LYS B 198 -3.14 -16.38 26.30
C LYS B 198 -4.51 -16.39 26.95
N HIS B 199 -5.35 -15.41 26.62
CA HIS B 199 -6.68 -15.32 27.20
C HIS B 199 -7.74 -15.84 26.24
N GLY B 200 -7.30 -16.58 25.22
CA GLY B 200 -8.24 -17.12 24.25
C GLY B 200 -9.24 -16.10 23.74
N LEU B 201 -8.73 -14.95 23.29
CA LEU B 201 -9.57 -13.88 22.77
C LEU B 201 -9.20 -13.58 21.32
N ASN B 202 -10.18 -13.18 20.52
CA ASN B 202 -9.91 -12.84 19.12
C ASN B 202 -9.09 -11.56 19.10
N GLY B 203 -8.09 -11.51 18.22
CA GLY B 203 -7.26 -10.33 18.12
C GLY B 203 -7.39 -9.65 16.77
N ILE B 204 -7.04 -8.37 16.72
CA ILE B 204 -7.09 -7.60 15.49
C ILE B 204 -5.70 -7.49 14.89
N PRO B 205 -5.46 -8.15 13.74
CA PRO B 205 -4.14 -8.11 13.11
C PRO B 205 -3.73 -6.69 12.71
N SER B 206 -2.43 -6.47 12.57
CA SER B 206 -1.92 -5.16 12.20
C SER B 206 -2.30 -4.76 10.79
N VAL B 207 -2.38 -5.74 9.89
CA VAL B 207 -2.73 -5.49 8.50
C VAL B 207 -4.07 -4.78 8.34
N CYS B 208 -4.96 -4.97 9.31
CA CYS B 208 -6.27 -4.35 9.29
C CYS B 208 -6.14 -2.82 9.21
N GLU B 209 -5.01 -2.32 9.71
CA GLU B 209 -4.73 -0.88 9.70
C GLU B 209 -3.78 -0.50 8.55
N SER B 210 -2.62 -1.14 8.52
CA SER B 210 -1.61 -0.85 7.50
C SER B 210 -2.11 -0.92 6.05
N VAL B 211 -3.00 -1.87 5.77
CA VAL B 211 -3.54 -2.02 4.42
C VAL B 211 -4.26 -0.76 3.91
N HIS B 212 -5.04 -0.12 4.77
CA HIS B 212 -5.74 1.10 4.36
C HIS B 212 -4.79 2.28 4.18
N ILE B 213 -3.85 2.45 5.11
CA ILE B 213 -2.88 3.54 5.02
C ILE B 213 -2.14 3.46 3.69
N ALA B 214 -1.70 2.26 3.33
CA ALA B 214 -0.98 2.04 2.08
C ALA B 214 -1.84 2.44 0.89
N ARG B 215 -3.10 2.01 0.89
CA ARG B 215 -4.03 2.32 -0.18
C ARG B 215 -4.28 3.83 -0.32
N ASP B 216 -4.56 4.48 0.81
CA ASP B 216 -4.83 5.92 0.81
C ASP B 216 -3.64 6.75 0.32
N ILE B 217 -2.42 6.32 0.66
CA ILE B 217 -1.24 7.05 0.23
C ILE B 217 -1.16 7.15 -1.30
N LEU B 218 -1.57 6.11 -2.00
CA LEU B 218 -1.53 6.11 -3.45
C LEU B 218 -2.65 6.98 -4.00
N LEU B 219 -3.83 6.86 -3.40
CA LEU B 219 -4.96 7.67 -3.82
C LEU B 219 -4.63 9.15 -3.58
N ALA B 220 -4.03 9.43 -2.43
CA ALA B 220 -3.64 10.79 -2.08
C ALA B 220 -2.70 11.37 -3.14
N GLU B 221 -1.71 10.60 -3.53
CA GLU B 221 -0.75 11.03 -4.55
C GLU B 221 -1.47 11.23 -5.89
N ALA B 222 -2.45 10.39 -6.15
CA ALA B 222 -3.20 10.47 -7.40
C ALA B 222 -4.11 11.69 -7.44
N ALA B 223 -4.49 12.18 -6.26
CA ALA B 223 -5.37 13.34 -6.19
C ALA B 223 -4.60 14.56 -5.71
N ASP B 224 -3.32 14.37 -5.41
CA ASP B 224 -2.48 15.45 -4.92
C ASP B 224 -3.25 16.13 -3.80
N CYS B 225 -3.56 15.37 -2.77
CA CYS B 225 -4.32 15.86 -1.63
C CYS B 225 -3.62 15.60 -0.30
N HIS B 226 -3.76 16.53 0.64
CA HIS B 226 -3.14 16.37 1.96
C HIS B 226 -3.85 15.23 2.69
N TYR B 227 -3.11 14.15 2.93
CA TYR B 227 -3.66 13.00 3.63
C TYR B 227 -3.02 12.87 5.00
N HIS B 228 -3.86 12.74 6.02
CA HIS B 228 -3.39 12.60 7.39
C HIS B 228 -3.92 11.29 7.97
N VAL B 229 -3.05 10.56 8.65
CA VAL B 229 -3.42 9.28 9.24
C VAL B 229 -3.71 9.42 10.73
N CYS B 230 -4.76 8.74 11.19
CA CYS B 230 -5.13 8.78 12.60
C CYS B 230 -4.38 7.71 13.38
N HIS B 231 -4.16 7.99 14.67
CA HIS B 231 -3.51 7.08 15.60
C HIS B 231 -2.79 5.86 15.01
N VAL B 232 -1.57 6.07 14.52
CA VAL B 232 -0.77 4.98 13.96
C VAL B 232 -0.42 4.02 15.09
N SER B 233 -0.39 2.72 14.81
CA SER B 233 -0.07 1.75 15.86
C SER B 233 0.74 0.53 15.44
N THR B 234 1.09 0.42 14.16
CA THR B 234 1.86 -0.75 13.72
C THR B 234 3.19 -0.38 13.07
N LYS B 235 4.11 -1.33 13.09
CA LYS B 235 5.45 -1.16 12.52
C LYS B 235 5.32 -0.96 11.02
N GLY B 236 4.41 -1.72 10.40
CA GLY B 236 4.20 -1.62 8.96
C GLY B 236 3.60 -0.29 8.57
N SER B 237 2.78 0.27 9.45
CA SER B 237 2.12 1.55 9.20
C SER B 237 3.18 2.66 9.13
N VAL B 238 4.12 2.65 10.07
CA VAL B 238 5.17 3.67 10.07
C VAL B 238 6.02 3.56 8.81
N ARG B 239 6.37 2.32 8.44
CA ARG B 239 7.19 2.08 7.24
C ARG B 239 6.52 2.66 6.00
N VAL B 240 5.30 2.20 5.72
CA VAL B 240 4.56 2.67 4.56
C VAL B 240 4.53 4.18 4.46
N ILE B 241 4.44 4.86 5.60
CA ILE B 241 4.41 6.31 5.64
C ILE B 241 5.80 6.89 5.37
N ARG B 242 6.82 6.24 5.93
CA ARG B 242 8.20 6.68 5.74
C ARG B 242 8.59 6.59 4.26
N ASP B 243 8.17 5.52 3.59
CA ASP B 243 8.46 5.36 2.18
C ASP B 243 7.71 6.46 1.43
N ALA B 244 6.54 6.81 1.96
CA ALA B 244 5.68 7.82 1.36
C ALA B 244 6.32 9.21 1.37
N LYS B 245 6.75 9.66 2.54
CA LYS B 245 7.37 10.97 2.66
C LYS B 245 8.66 11.04 1.86
N ARG B 246 9.33 9.91 1.71
CA ARG B 246 10.58 9.85 0.96
C ARG B 246 10.35 10.09 -0.52
N ALA B 247 9.13 9.84 -0.98
CA ALA B 247 8.77 10.04 -2.38
C ALA B 247 8.23 11.45 -2.60
N GLY B 248 7.98 12.17 -1.51
CA GLY B 248 7.47 13.53 -1.60
C GLY B 248 5.96 13.64 -1.65
N ILE B 249 5.27 12.68 -1.05
CA ILE B 249 3.81 12.68 -1.03
C ILE B 249 3.31 13.39 0.23
N LYS B 250 2.34 14.29 0.04
CA LYS B 250 1.78 15.07 1.14
C LYS B 250 1.00 14.21 2.13
N VAL B 251 1.73 13.50 2.99
CA VAL B 251 1.11 12.64 3.99
C VAL B 251 1.62 12.98 5.38
N THR B 252 0.71 12.94 6.36
CA THR B 252 1.05 13.22 7.75
C THR B 252 0.34 12.22 8.65
N ALA B 253 0.85 12.05 9.87
CA ALA B 253 0.24 11.11 10.82
C ALA B 253 0.41 11.55 12.27
N GLU B 254 -0.32 10.86 13.15
CA GLU B 254 -0.30 11.15 14.57
C GLU B 254 -0.18 9.84 15.37
N VAL B 255 0.12 9.97 16.64
CA VAL B 255 0.25 8.84 17.54
C VAL B 255 -0.32 9.24 18.90
N THR B 256 -1.05 8.33 19.53
CA THR B 256 -1.67 8.60 20.82
C THR B 256 -0.74 8.43 22.00
N PRO B 257 -1.02 9.12 23.11
CA PRO B 257 -0.18 9.03 24.32
C PRO B 257 -0.03 7.59 24.80
N HIS B 258 -1.15 6.86 24.84
CA HIS B 258 -1.12 5.49 25.30
C HIS B 258 -0.39 4.53 24.37
N HIS B 259 -0.31 4.86 23.08
CA HIS B 259 0.40 3.99 22.14
C HIS B 259 1.90 4.23 22.19
N LEU B 260 2.31 5.26 22.93
CA LEU B 260 3.73 5.60 23.07
C LEU B 260 4.30 5.09 24.39
N VAL B 261 3.42 4.82 25.35
CA VAL B 261 3.84 4.37 26.67
C VAL B 261 3.48 2.91 26.97
N LEU B 262 2.42 2.42 26.35
CA LEU B 262 1.99 1.05 26.58
C LEU B 262 1.91 0.20 25.32
N CYS B 263 2.18 -1.09 25.49
CA CYS B 263 2.12 -2.05 24.40
C CYS B 263 1.30 -3.22 24.96
N GLU B 264 1.14 -4.29 24.20
CA GLU B 264 0.36 -5.42 24.68
C GLU B 264 0.89 -6.02 25.99
N ASP B 265 2.21 -6.11 26.12
CA ASP B 265 2.81 -6.69 27.32
C ASP B 265 2.45 -5.99 28.63
N ASP B 266 1.83 -4.82 28.53
CA ASP B 266 1.47 -4.06 29.73
C ASP B 266 0.03 -4.28 30.21
N ILE B 267 -0.73 -5.09 29.48
CA ILE B 267 -2.12 -5.36 29.86
C ILE B 267 -2.14 -6.49 30.90
N PRO B 268 -2.40 -6.14 32.18
CA PRO B 268 -2.46 -7.08 33.30
C PRO B 268 -3.48 -8.20 33.16
N SER B 269 -4.60 -7.90 32.53
CA SER B 269 -5.65 -8.89 32.32
C SER B 269 -6.75 -8.29 31.46
N ALA B 270 -7.78 -9.08 31.18
CA ALA B 270 -8.88 -8.61 30.37
C ALA B 270 -9.57 -7.45 31.08
N ASP B 271 -8.92 -6.29 31.08
CA ASP B 271 -9.48 -5.10 31.71
C ASP B 271 -9.89 -4.06 30.68
N PRO B 272 -11.20 -3.78 30.57
CA PRO B 272 -11.79 -2.83 29.62
C PRO B 272 -11.10 -1.47 29.50
N ASN B 273 -10.36 -1.06 30.53
CA ASN B 273 -9.67 0.22 30.50
C ASN B 273 -8.40 0.17 29.66
N PHE B 274 -8.18 -0.96 29.00
CA PHE B 274 -7.02 -1.15 28.14
C PHE B 274 -7.50 -1.47 26.73
N LYS B 275 -8.82 -1.50 26.56
CA LYS B 275 -9.45 -1.79 25.28
C LYS B 275 -9.83 -0.55 24.47
N MET B 276 -9.12 -0.33 23.36
CA MET B 276 -9.41 0.79 22.49
C MET B 276 -9.07 0.44 21.05
N ASN B 277 -9.49 1.29 20.11
CA ASN B 277 -9.21 1.05 18.70
C ASN B 277 -8.46 2.24 18.13
N PRO B 278 -7.24 2.02 17.60
CA PRO B 278 -6.59 0.71 17.53
C PRO B 278 -6.06 0.26 18.89
N PRO B 279 -5.89 -1.06 19.08
CA PRO B 279 -5.40 -1.64 20.33
C PRO B 279 -3.90 -1.47 20.56
N LEU B 280 -3.44 -1.90 21.73
CA LEU B 280 -2.03 -1.85 22.10
C LEU B 280 -1.40 -3.09 21.49
N ARG B 281 -0.46 -2.90 20.58
CA ARG B 281 0.16 -4.03 19.91
C ARG B 281 1.51 -4.45 20.49
N GLY B 282 2.22 -5.32 19.78
CA GLY B 282 3.50 -5.81 20.24
C GLY B 282 4.52 -4.74 20.59
N LYS B 283 5.57 -5.13 21.29
CA LYS B 283 6.61 -4.18 21.66
C LYS B 283 7.41 -3.82 20.42
N GLU B 284 7.33 -4.66 19.39
CA GLU B 284 8.03 -4.41 18.14
C GLU B 284 7.34 -3.21 17.50
N ASP B 285 6.01 -3.18 17.63
CA ASP B 285 5.22 -2.07 17.09
C ASP B 285 5.45 -0.82 17.94
N HIS B 286 5.51 -1.00 19.25
CA HIS B 286 5.73 0.10 20.17
C HIS B 286 7.05 0.80 19.83
N GLU B 287 8.12 0.03 19.69
CA GLU B 287 9.43 0.60 19.37
C GLU B 287 9.38 1.34 18.03
N ALA B 288 8.55 0.83 17.11
CA ALA B 288 8.41 1.44 15.80
C ALA B 288 7.77 2.83 15.92
N LEU B 289 6.70 2.93 16.70
CA LEU B 289 6.02 4.21 16.91
C LEU B 289 6.99 5.23 17.50
N ILE B 290 7.79 4.79 18.48
CA ILE B 290 8.76 5.66 19.12
C ILE B 290 9.85 6.09 18.14
N GLU B 291 10.24 5.18 17.26
CA GLU B 291 11.27 5.48 16.28
C GLU B 291 10.72 6.42 15.21
N GLY B 292 9.44 6.27 14.89
CA GLY B 292 8.81 7.10 13.89
C GLY B 292 8.63 8.52 14.39
N LEU B 293 8.36 8.65 15.68
CA LEU B 293 8.15 9.95 16.31
C LEU B 293 9.48 10.71 16.34
N LEU B 294 10.58 9.99 16.50
CA LEU B 294 11.91 10.61 16.56
C LEU B 294 12.56 10.92 15.22
N ASP B 295 12.14 10.26 14.15
CA ASP B 295 12.74 10.50 12.84
C ASP B 295 11.90 11.38 11.90
N GLY B 296 10.71 11.76 12.36
CA GLY B 296 9.85 12.59 11.54
C GLY B 296 8.71 11.89 10.85
N THR B 297 8.76 10.56 10.78
CA THR B 297 7.68 9.80 10.14
C THR B 297 6.35 10.17 10.81
N ILE B 298 6.39 10.35 12.13
CA ILE B 298 5.20 10.72 12.88
C ILE B 298 5.31 12.21 13.18
N ASP B 299 4.36 12.97 12.65
CA ASP B 299 4.34 14.43 12.78
C ASP B 299 3.85 15.05 14.08
N MET B 300 2.87 14.44 14.73
CA MET B 300 2.30 15.01 15.94
C MET B 300 1.66 13.99 16.87
N ILE B 301 1.30 14.47 18.07
CA ILE B 301 0.65 13.61 19.06
C ILE B 301 -0.78 14.09 19.29
N ALA B 302 -1.71 13.15 19.38
CA ALA B 302 -3.11 13.44 19.60
C ALA B 302 -3.64 12.44 20.62
N THR B 303 -4.51 12.89 21.51
CA THR B 303 -5.07 12.03 22.55
C THR B 303 -6.13 11.03 22.07
N ASP B 304 -7.04 11.50 21.24
CA ASP B 304 -8.14 10.66 20.76
C ASP B 304 -9.01 10.39 21.98
N HIS B 305 -9.33 11.46 22.70
CA HIS B 305 -10.17 11.40 23.90
C HIS B 305 -11.46 10.65 23.60
N ALA B 306 -11.56 9.42 24.08
CA ALA B 306 -12.74 8.58 23.86
C ALA B 306 -13.43 8.23 25.17
N PRO B 307 -14.13 9.20 25.78
CA PRO B 307 -14.84 9.01 27.04
C PRO B 307 -15.96 7.98 27.02
N HIS B 308 -16.13 7.28 28.14
CA HIS B 308 -17.16 6.26 28.31
C HIS B 308 -17.52 6.22 29.78
N THR B 309 -18.59 5.50 30.12
CA THR B 309 -19.01 5.40 31.51
C THR B 309 -18.60 4.06 32.09
N ALA B 310 -18.43 4.02 33.40
CA ALA B 310 -18.01 2.80 34.10
C ALA B 310 -19.00 1.66 33.89
N GLU B 311 -20.29 1.99 33.80
CA GLU B 311 -21.33 0.98 33.60
C GLU B 311 -21.09 0.21 32.31
N GLU B 312 -20.57 0.90 31.30
CA GLU B 312 -20.30 0.30 29.99
C GLU B 312 -19.01 -0.50 30.00
N LYS B 313 -17.95 0.07 30.58
CA LYS B 313 -16.66 -0.60 30.64
C LYS B 313 -16.75 -1.75 31.65
N ALA B 314 -17.76 -1.69 32.52
CA ALA B 314 -17.97 -2.71 33.55
C ALA B 314 -18.04 -4.13 33.01
N GLN B 315 -18.82 -4.31 31.94
CA GLN B 315 -18.96 -5.63 31.33
C GLN B 315 -17.67 -6.10 30.68
N GLY B 316 -17.56 -7.41 30.47
CA GLY B 316 -16.36 -7.98 29.86
C GLY B 316 -15.78 -7.15 28.74
N ILE B 317 -14.46 -7.24 28.56
CA ILE B 317 -13.79 -6.48 27.51
C ILE B 317 -14.36 -6.82 26.13
N GLU B 318 -14.85 -8.04 25.98
CA GLU B 318 -15.42 -8.48 24.71
C GLU B 318 -16.67 -7.68 24.38
N ARG B 319 -17.50 -7.43 25.39
CA ARG B 319 -18.73 -6.67 25.22
C ARG B 319 -18.43 -5.17 25.30
N ALA B 320 -17.56 -4.82 26.25
CA ALA B 320 -17.17 -3.43 26.49
C ALA B 320 -16.79 -2.71 25.20
N PRO B 321 -16.90 -1.37 25.21
CA PRO B 321 -16.57 -0.52 24.05
C PRO B 321 -15.07 -0.18 23.98
N PHE B 322 -14.68 0.48 22.89
CA PHE B 322 -13.30 0.90 22.67
C PHE B 322 -13.17 2.37 23.09
N GLY B 323 -12.07 2.72 23.74
CA GLY B 323 -11.89 4.10 24.14
C GLY B 323 -11.33 4.34 25.53
N ILE B 324 -10.50 5.38 25.62
CA ILE B 324 -9.84 5.78 26.87
C ILE B 324 -9.80 7.31 26.91
N THR B 325 -10.10 7.90 28.07
CA THR B 325 -10.05 9.36 28.18
C THR B 325 -8.58 9.73 28.22
N GLY B 326 -8.21 10.90 27.71
CA GLY B 326 -6.81 11.28 27.71
C GLY B 326 -6.47 12.75 27.91
N PHE B 327 -7.50 13.60 27.91
CA PHE B 327 -7.29 15.03 28.10
C PHE B 327 -6.41 15.36 29.31
N GLU B 328 -6.88 14.93 30.48
CA GLU B 328 -6.20 15.18 31.75
C GLU B 328 -5.00 14.29 32.05
N THR B 329 -4.60 13.48 31.06
CA THR B 329 -3.46 12.58 31.23
C THR B 329 -2.33 12.98 30.30
N ALA B 330 -2.67 13.19 29.03
CA ALA B 330 -1.74 13.56 27.98
C ALA B 330 -0.37 14.07 28.38
N PHE B 331 -0.27 15.33 28.77
CA PHE B 331 1.01 15.93 29.13
C PHE B 331 1.77 15.34 30.33
N PRO B 332 1.16 15.35 31.52
CA PRO B 332 1.90 14.79 32.67
C PRO B 332 2.37 13.36 32.42
N LEU B 333 1.54 12.58 31.74
CA LEU B 333 1.86 11.19 31.44
C LEU B 333 3.07 11.13 30.50
N LEU B 334 3.06 11.96 29.47
CA LEU B 334 4.14 11.98 28.48
C LEU B 334 5.41 12.64 28.99
N TYR B 335 5.29 13.59 29.91
CA TYR B 335 6.47 14.26 30.43
C TYR B 335 7.25 13.37 31.39
N THR B 336 6.56 12.44 32.04
CA THR B 336 7.21 11.54 32.99
C THR B 336 7.85 10.31 32.34
N ASN B 337 7.11 9.64 31.46
CA ASN B 337 7.61 8.43 30.81
C ASN B 337 8.32 8.65 29.48
N LEU B 338 8.34 9.87 28.99
CA LEU B 338 9.00 10.17 27.73
C LEU B 338 10.15 11.14 27.90
N VAL B 339 9.84 12.36 28.34
CA VAL B 339 10.85 13.39 28.53
C VAL B 339 11.78 13.07 29.70
N LYS B 340 11.17 12.84 30.86
CA LYS B 340 11.93 12.54 32.07
C LYS B 340 12.66 11.21 31.88
N LYS B 341 12.10 10.36 31.02
CA LYS B 341 12.67 9.05 30.76
C LYS B 341 13.85 9.13 29.79
N GLY B 342 13.97 10.26 29.09
CA GLY B 342 15.07 10.45 28.16
C GLY B 342 14.73 10.32 26.67
N ILE B 343 13.68 9.55 26.37
CA ILE B 343 13.25 9.32 25.00
C ILE B 343 13.15 10.56 24.10
N ILE B 344 12.73 11.69 24.68
CA ILE B 344 12.62 12.94 23.91
C ILE B 344 12.87 14.14 24.81
N THR B 345 13.20 15.28 24.21
CA THR B 345 13.45 16.49 24.99
C THR B 345 12.15 17.24 25.24
N LEU B 346 12.16 18.10 26.25
CA LEU B 346 10.99 18.90 26.61
C LEU B 346 10.56 19.77 25.43
N GLU B 347 11.54 20.23 24.65
CA GLU B 347 11.27 21.07 23.49
C GLU B 347 10.45 20.33 22.44
N GLN B 348 10.71 19.04 22.28
CA GLN B 348 10.00 18.21 21.31
C GLN B 348 8.57 17.89 21.74
N LEU B 349 8.41 17.53 23.02
CA LEU B 349 7.08 17.22 23.53
C LEU B 349 6.13 18.38 23.26
N ILE B 350 6.54 19.58 23.66
CA ILE B 350 5.74 20.78 23.45
C ILE B 350 5.37 20.93 21.98
N GLN B 351 6.37 20.90 21.11
CA GLN B 351 6.14 21.04 19.68
C GLN B 351 5.12 20.03 19.17
N PHE B 352 5.25 18.78 19.63
CA PHE B 352 4.35 17.73 19.22
C PHE B 352 2.91 17.96 19.66
N LEU B 353 2.68 19.03 20.41
CA LEU B 353 1.35 19.36 20.90
C LEU B 353 0.96 20.81 20.65
N THR B 354 1.81 21.55 19.93
CA THR B 354 1.53 22.95 19.65
C THR B 354 1.80 23.39 18.21
N GLU B 355 3.02 23.78 17.90
CA GLU B 355 3.33 24.25 16.56
C GLU B 355 3.31 23.19 15.45
N LYS B 356 3.75 21.98 15.75
CA LYS B 356 3.72 20.94 14.72
C LYS B 356 2.28 20.61 14.33
N PRO B 357 1.39 20.41 15.33
CA PRO B 357 0.00 20.09 15.01
C PRO B 357 -0.66 21.22 14.23
N ALA B 358 -0.38 22.45 14.64
CA ALA B 358 -0.95 23.63 14.01
C ALA B 358 -0.49 23.84 12.58
N ASP B 359 0.81 23.69 12.33
CA ASP B 359 1.35 23.87 10.98
C ASP B 359 0.79 22.84 10.00
N THR B 360 0.76 21.59 10.42
CA THR B 360 0.25 20.51 9.58
C THR B 360 -1.13 20.84 9.02
N PHE B 361 -1.84 21.74 9.68
CA PHE B 361 -3.18 22.11 9.24
C PHE B 361 -3.36 23.60 8.98
N GLY B 362 -2.29 24.37 9.11
CA GLY B 362 -2.36 25.79 8.89
C GLY B 362 -3.25 26.53 9.86
N LEU B 363 -2.84 26.57 11.13
CA LEU B 363 -3.60 27.26 12.16
C LEU B 363 -2.75 28.29 12.87
N GLU B 364 -3.29 29.47 13.07
CA GLU B 364 -2.58 30.53 13.78
C GLU B 364 -2.66 30.13 15.25
N ALA B 365 -1.82 29.18 15.65
CA ALA B 365 -1.82 28.71 17.04
C ALA B 365 -0.51 28.01 17.43
N GLY B 366 -0.55 27.37 18.59
CA GLY B 366 0.61 26.64 19.10
C GLY B 366 1.89 27.43 19.16
N ARG B 367 1.80 28.75 19.11
CA ARG B 367 2.98 29.60 19.15
C ARG B 367 2.79 30.84 20.03
N LEU B 368 3.77 31.09 20.91
CA LEU B 368 3.71 32.25 21.78
C LEU B 368 4.31 33.46 21.07
N LYS B 369 3.65 33.88 19.99
CA LYS B 369 4.11 35.03 19.20
C LYS B 369 3.35 36.29 19.61
N GLU B 370 4.02 37.43 19.56
CA GLU B 370 3.38 38.68 19.91
C GLU B 370 2.36 39.01 18.83
N GLY B 371 1.14 39.32 19.24
CA GLY B 371 0.09 39.63 18.28
C GLY B 371 -0.91 38.51 18.07
N ARG B 372 -0.65 37.35 18.68
CA ARG B 372 -1.53 36.21 18.54
C ARG B 372 -2.44 36.03 19.75
N THR B 373 -3.57 35.37 19.55
CA THR B 373 -4.53 35.13 20.61
C THR B 373 -3.80 34.59 21.83
N ALA B 374 -4.27 34.98 23.02
CA ALA B 374 -3.65 34.55 24.26
C ALA B 374 -4.07 33.16 24.72
N ASP B 375 -3.62 32.13 24.00
CA ASP B 375 -3.92 30.74 24.36
C ASP B 375 -2.69 30.23 25.10
N ILE B 376 -2.72 30.31 26.43
CA ILE B 376 -1.57 29.89 27.25
C ILE B 376 -1.91 28.86 28.33
N THR B 377 -0.87 28.15 28.78
CA THR B 377 -1.01 27.14 29.82
C THR B 377 0.22 27.17 30.74
N ILE B 378 -0.03 27.16 32.04
CA ILE B 378 1.04 27.16 33.03
C ILE B 378 1.19 25.73 33.51
N ILE B 379 2.42 25.23 33.55
CA ILE B 379 2.65 23.86 33.98
C ILE B 379 3.67 23.73 35.10
N ASP B 380 3.35 22.88 36.08
CA ASP B 380 4.24 22.62 37.21
C ASP B 380 4.99 21.31 36.91
N LEU B 381 6.28 21.43 36.63
CA LEU B 381 7.10 20.26 36.31
C LEU B 381 7.61 19.57 37.57
N GLU B 382 7.86 20.34 38.62
CA GLU B 382 8.38 19.82 39.88
C GLU B 382 7.42 18.92 40.66
N GLN B 383 6.30 19.47 41.10
CA GLN B 383 5.31 18.73 41.88
C GLN B 383 4.96 17.36 41.29
N GLU B 384 5.03 16.33 42.12
CA GLU B 384 4.70 14.97 41.69
C GLU B 384 3.31 14.61 42.19
N GLU B 385 2.52 13.95 41.35
CA GLU B 385 1.16 13.58 41.70
C GLU B 385 0.72 12.29 41.02
N GLU B 386 -0.26 11.61 41.62
CA GLU B 386 -0.78 10.36 41.07
C GLU B 386 -2.08 10.58 40.30
N ILE B 387 -2.28 9.79 39.25
CA ILE B 387 -3.48 9.90 38.43
C ILE B 387 -4.67 9.27 39.16
N ASP B 388 -5.68 10.10 39.44
CA ASP B 388 -6.88 9.66 40.15
C ASP B 388 -8.15 10.04 39.39
N PRO B 389 -8.79 9.07 38.71
CA PRO B 389 -10.02 9.32 37.95
C PRO B 389 -11.12 9.96 38.79
N THR B 390 -10.96 9.92 40.11
CA THR B 390 -11.93 10.50 41.02
C THR B 390 -11.94 12.02 40.92
N THR B 391 -10.79 12.59 40.56
CA THR B 391 -10.65 14.04 40.44
C THR B 391 -10.76 14.58 39.02
N PHE B 392 -11.10 13.70 38.08
CA PHE B 392 -11.24 14.09 36.68
C PHE B 392 -12.46 14.95 36.40
N LEU B 393 -12.27 16.03 35.65
CA LEU B 393 -13.36 16.94 35.30
C LEU B 393 -14.20 16.34 34.16
N SER B 394 -13.66 15.31 33.52
CA SER B 394 -14.34 14.64 32.43
C SER B 394 -15.26 13.56 32.97
N LYS B 395 -16.39 13.35 32.32
CA LYS B 395 -17.32 12.31 32.77
C LYS B 395 -16.67 10.96 32.53
N GLY B 396 -15.79 10.91 31.52
CA GLY B 396 -15.11 9.67 31.21
C GLY B 396 -13.99 9.41 32.20
N LYS B 397 -14.14 8.37 33.01
CA LYS B 397 -13.14 8.01 34.00
C LYS B 397 -12.45 6.71 33.60
N ASN B 398 -12.62 6.32 32.35
CA ASN B 398 -12.02 5.10 31.83
C ASN B 398 -10.55 5.30 31.43
N THR B 399 -9.66 5.07 32.39
CA THR B 399 -8.22 5.22 32.15
C THR B 399 -7.43 4.07 32.77
N PRO B 400 -6.39 3.60 32.06
CA PRO B 400 -5.59 2.50 32.58
C PRO B 400 -4.40 3.03 33.38
N PHE B 401 -4.28 4.36 33.46
CA PHE B 401 -3.17 4.97 34.17
C PHE B 401 -3.51 5.35 35.61
N ALA B 402 -4.65 4.86 36.09
CA ALA B 402 -5.07 5.14 37.46
C ALA B 402 -4.00 4.64 38.43
N GLY B 403 -3.40 5.56 39.17
CA GLY B 403 -2.36 5.17 40.12
C GLY B 403 -0.98 5.65 39.74
N TRP B 404 -0.73 5.79 38.45
CA TRP B 404 0.56 6.25 37.95
C TRP B 404 0.90 7.64 38.49
N LYS B 405 2.15 7.81 38.92
CA LYS B 405 2.61 9.09 39.46
C LYS B 405 3.41 9.84 38.41
N CYS B 406 3.03 11.09 38.15
CA CYS B 406 3.72 11.90 37.15
C CYS B 406 3.99 13.31 37.63
N GLN B 407 4.57 14.11 36.73
CA GLN B 407 4.88 15.51 36.99
C GLN B 407 4.33 16.28 35.80
N GLY B 408 4.74 17.53 35.64
CA GLY B 408 4.24 18.33 34.53
C GLY B 408 2.72 18.35 34.44
N TRP B 409 2.09 18.96 35.42
CA TRP B 409 0.63 19.07 35.44
C TRP B 409 0.19 20.50 35.14
N PRO B 410 -0.81 20.66 34.26
CA PRO B 410 -1.31 22.01 33.93
C PRO B 410 -1.99 22.58 35.16
N VAL B 411 -1.65 23.82 35.52
CA VAL B 411 -2.25 24.45 36.69
C VAL B 411 -3.24 25.56 36.32
N MET B 412 -3.05 26.16 35.15
CA MET B 412 -3.92 27.23 34.69
C MET B 412 -3.91 27.35 33.17
N THR B 413 -5.09 27.34 32.56
CA THR B 413 -5.22 27.46 31.12
C THR B 413 -5.92 28.76 30.74
N ILE B 414 -5.37 29.47 29.77
CA ILE B 414 -5.94 30.73 29.30
C ILE B 414 -6.42 30.66 27.86
N VAL B 415 -7.73 30.78 27.67
CA VAL B 415 -8.33 30.76 26.34
C VAL B 415 -8.76 32.16 25.92
N GLY B 416 -7.97 32.81 25.09
CA GLY B 416 -8.29 34.15 24.63
C GLY B 416 -8.05 35.22 25.69
N GLY B 417 -7.10 34.97 26.58
CA GLY B 417 -6.80 35.93 27.63
C GLY B 417 -7.63 35.67 28.87
N LYS B 418 -8.78 35.05 28.68
CA LYS B 418 -9.68 34.72 29.78
C LYS B 418 -9.32 33.35 30.36
N ILE B 419 -9.17 33.29 31.68
CA ILE B 419 -8.82 32.04 32.34
C ILE B 419 -9.96 31.02 32.22
N ALA B 420 -9.66 29.87 31.63
CA ALA B 420 -10.65 28.83 31.45
C ALA B 420 -10.58 27.79 32.56
N TRP B 421 -9.42 27.67 33.18
CA TRP B 421 -9.24 26.69 34.27
C TRP B 421 -8.08 27.02 35.20
N GLN B 422 -8.30 26.77 36.49
CA GLN B 422 -7.28 27.00 37.51
C GLN B 422 -7.19 25.77 38.40
N LYS B 423 -5.99 25.48 38.88
CA LYS B 423 -5.77 24.34 39.75
C LYS B 423 -6.62 24.50 41.01
N GLU B 424 -6.01 24.96 42.10
CA GLU B 424 -6.72 25.17 43.35
C GLU B 424 -5.75 25.55 44.46
N SER B 425 -4.52 25.90 44.09
CA SER B 425 -3.50 26.31 45.06
C SER B 425 -2.19 26.70 44.40
N ALA B 426 -2.25 27.65 43.48
CA ALA B 426 -1.07 28.13 42.78
C ALA B 426 -1.19 29.62 42.46
ZN ZN C . -3.07 -12.59 -18.17
ZN ZN D . -3.95 -10.31 -15.93
ZN ZN E . -11.18 8.58 17.32
ZN ZN F . -10.32 6.33 15.09
#